data_6G20
#
_entry.id   6G20
#
_cell.length_a   183.114
_cell.length_b   183.114
_cell.length_c   179.655
_cell.angle_alpha   90.00
_cell.angle_beta   90.00
_cell.angle_gamma   120.00
#
_symmetry.space_group_name_H-M   'P 63 2 2'
#
loop_
_entity.id
_entity.type
_entity.pdbx_description
1 polymer 'Bacteriophytochrome protein'
2 non-polymer '3-[(2Z)-2-({3-(2-carboxyethyl)-5-[(E)-(4-ethenyl-3-methyl-5-oxo-1,5-dihydro-2H-pyrrol-2-ylidene)methyl]-4-methyl-1H-pyrrol-2-yl}methylidene)-5-{(Z)-[(3E,4S)-3-ethylidene-4-methyl-5-oxopyrrolidin-2-ylidene]methyl}-4-methyl-2H-pyrrol-3-yl]propanoic acid'
3 non-polymer 'SULFATE ION'
4 non-polymer 'CHLORIDE ION'
5 non-polymer GLYCEROL
6 non-polymer DI(HYDROXYETHYL)ETHER
7 non-polymer 2-{2-[2-2-(METHOXY-ETHOXY)-ETHOXY]-ETHOXY}-ETHANOL
8 non-polymer 2-(2-METHOXYETHOXY)ETHANOL
9 water water
#
_entity_poly.entity_id   1
_entity_poly.type   'polypeptide(L)'
_entity_poly.pdbx_seq_one_letter_code
;MASTDYHVDLTNCDREPIHIPGYIQPHGCLIACDNAMRMVLRHSENCGELLGLEGDLNGRTAEDVLGKRLVHDLRNALTV
TGKTTRPAMLPAMETSDGRSFDISLHRYKSTTIIEFEPSDSDTQPLGTARKMVDRIREADSVESLISRTTRLVKATLGYD
RVLIYRFEEDGAGKVVSEAKQPELESFLGQYFPASDIPQQARALYLKNTLRIISDASGTPIPVLPAVDVSGEPLDLSYAH
LRNFSPIHCEYLRNMGVAASMSISVIVDDALWGLIVCHHCSPRVLSMPVRIAAAMFGEFFSMFLQVLKQKRRLDTINHAH
AALDRFLRLAAHRANLEELLVDSFQDFARLIPCDGVGLWVGNNWHGHGATPPHDAIPRLARFVASVSEGRVWATHALSQA
IPEAEIYADTAAGMLAIPISQVKSDYLLFFRKEIVQNLNWAGNPEKSYETGPMGDRLTPRKSFAIWKESVRLQAQPWSEA
DREIAETARIALVGVAFHHSELMAGLEYK
;
_entity_poly.pdbx_strand_id   A,B
#
# COMPACT_ATOMS: atom_id res chain seq x y z
N ASP A 9 1.52 28.29 -17.03
CA ASP A 9 1.80 27.58 -18.32
C ASP A 9 0.49 27.16 -18.95
N LEU A 10 0.43 27.16 -20.29
CA LEU A 10 -0.77 26.73 -21.02
C LEU A 10 -0.50 25.69 -22.15
N THR A 11 0.75 25.20 -22.23
CA THR A 11 1.19 24.28 -23.27
C THR A 11 1.43 22.84 -22.73
N ASN A 12 2.00 22.71 -21.53
CA ASN A 12 2.31 21.40 -20.94
C ASN A 12 1.18 21.00 -19.99
N CYS A 13 -0.03 20.98 -20.53
CA CYS A 13 -1.26 20.88 -19.75
C CYS A 13 -1.24 19.67 -18.83
N ASP A 14 -0.72 18.55 -19.33
CA ASP A 14 -0.81 17.28 -18.62
C ASP A 14 0.20 17.13 -17.49
N ARG A 15 0.87 18.22 -17.11
CA ARG A 15 1.85 18.17 -16.02
C ARG A 15 1.24 18.56 -14.66
N GLU A 16 0.25 19.45 -14.66
CA GLU A 16 -0.30 19.94 -13.40
C GLU A 16 -0.75 18.76 -12.50
N PRO A 17 -0.24 18.70 -11.26
CA PRO A 17 -0.61 17.59 -10.37
C PRO A 17 -1.90 17.92 -9.62
N ILE A 18 -3.03 17.71 -10.29
CA ILE A 18 -4.34 18.16 -9.81
C ILE A 18 -4.89 17.36 -8.62
N HIS A 19 -4.31 16.18 -8.38
CA HIS A 19 -4.63 15.35 -7.24
C HIS A 19 -4.06 15.88 -5.90
N ILE A 20 -3.13 16.83 -5.95
CA ILE A 20 -2.50 17.40 -4.74
C ILE A 20 -2.43 18.93 -4.78
N PRO A 21 -3.60 19.60 -4.86
CA PRO A 21 -3.58 21.06 -4.95
C PRO A 21 -3.20 21.77 -3.64
N GLY A 22 -3.35 21.09 -2.51
CA GLY A 22 -3.17 21.73 -1.21
C GLY A 22 -4.33 22.61 -0.79
N TYR A 23 -5.49 22.47 -1.43
CA TYR A 23 -6.66 23.30 -1.11
C TYR A 23 -7.97 22.53 -1.31
N ILE A 24 -9.01 22.90 -0.57
CA ILE A 24 -10.34 22.36 -0.75
C ILE A 24 -11.31 23.48 -1.09
N GLN A 25 -12.49 23.12 -1.59
CA GLN A 25 -13.54 24.09 -1.87
C GLN A 25 -14.19 24.50 -0.55
N PRO A 26 -14.80 25.70 -0.51
CA PRO A 26 -15.29 26.26 0.74
C PRO A 26 -16.59 25.68 1.30
N HIS A 27 -17.30 24.86 0.55
CA HIS A 27 -18.60 24.34 1.01
C HIS A 27 -18.51 23.16 2.03
N GLY A 28 -17.30 22.73 2.37
CA GLY A 28 -17.11 21.76 3.45
C GLY A 28 -15.77 21.93 4.13
N CYS A 29 -15.47 21.04 5.08
CA CYS A 29 -14.14 21.01 5.67
C CYS A 29 -13.59 19.60 5.71
N LEU A 30 -12.27 19.50 5.89
CA LEU A 30 -11.59 18.22 5.77
C LEU A 30 -10.65 17.99 6.94
N ILE A 31 -10.61 16.76 7.41
CA ILE A 31 -9.66 16.31 8.39
C ILE A 31 -8.96 15.07 7.81
N ALA A 32 -7.63 15.06 7.92
CA ALA A 32 -6.82 13.90 7.55
C ALA A 32 -6.25 13.26 8.80
N CYS A 33 -6.43 11.95 8.91
CA CYS A 33 -5.94 11.18 10.03
C CYS A 33 -5.06 10.05 9.52
N ASP A 34 -4.38 9.37 10.44
CA ASP A 34 -3.62 8.18 10.12
C ASP A 34 -4.54 7.01 9.77
N ASN A 35 -3.93 5.92 9.31
CA ASN A 35 -4.65 4.73 8.83
C ASN A 35 -5.66 4.21 9.85
N ALA A 36 -5.29 4.24 11.11
CA ALA A 36 -6.10 3.70 12.21
C ALA A 36 -7.07 4.74 12.78
N MET A 37 -6.97 5.98 12.30
CA MET A 37 -7.80 7.08 12.78
C MET A 37 -7.65 7.34 14.29
N ARG A 38 -6.41 7.47 14.74
CA ARG A 38 -6.12 7.84 16.11
C ARG A 38 -5.71 9.32 16.24
N MET A 39 -4.86 9.81 15.32
CA MET A 39 -4.34 11.18 15.39
C MET A 39 -4.75 12.04 14.19
N VAL A 40 -4.98 13.32 14.44
CA VAL A 40 -5.16 14.30 13.37
C VAL A 40 -3.80 14.73 12.82
N LEU A 41 -3.59 14.47 11.53
CA LEU A 41 -2.36 14.80 10.83
C LEU A 41 -2.50 16.10 10.05
N ARG A 42 -3.67 16.35 9.49
CA ARG A 42 -3.93 17.56 8.71
C ARG A 42 -5.37 18.02 8.92
N HIS A 43 -5.61 19.30 8.68
CA HIS A 43 -6.97 19.82 8.66
C HIS A 43 -7.04 21.06 7.79
N SER A 44 -8.23 21.29 7.24
CA SER A 44 -8.48 22.47 6.44
C SER A 44 -8.64 23.62 7.41
N GLU A 45 -8.30 24.82 6.94
CA GLU A 45 -8.23 26.03 7.78
C GLU A 45 -9.61 26.42 8.30
N ASN A 46 -10.66 25.94 7.64
CA ASN A 46 -12.02 26.30 8.04
C ASN A 46 -12.65 25.28 8.99
N CYS A 47 -11.87 24.34 9.49
CA CYS A 47 -12.42 23.32 10.40
C CYS A 47 -12.92 23.93 11.70
N GLY A 48 -12.14 24.86 12.27
CA GLY A 48 -12.50 25.50 13.52
C GLY A 48 -13.86 26.15 13.42
N GLU A 49 -14.06 26.91 12.34
CA GLU A 49 -15.32 27.59 12.08
C GLU A 49 -16.52 26.63 11.98
N LEU A 50 -16.45 25.66 11.08
CA LEU A 50 -17.60 24.75 10.83
C LEU A 50 -17.84 23.78 11.98
N LEU A 51 -16.76 23.29 12.60
CA LEU A 51 -16.90 22.33 13.70
C LEU A 51 -17.07 23.00 15.07
N GLY A 52 -16.88 24.31 15.15
CA GLY A 52 -16.89 25.01 16.44
C GLY A 52 -15.67 24.71 17.31
N LEU A 53 -14.50 24.55 16.70
CA LEU A 53 -13.24 24.33 17.44
C LEU A 53 -12.30 25.52 17.29
N GLU A 54 -11.18 25.46 18.00
CA GLU A 54 -10.20 26.55 18.01
C GLU A 54 -8.78 26.05 18.05
N GLY A 55 -7.90 26.80 17.40
CA GLY A 55 -6.46 26.51 17.41
C GLY A 55 -6.05 25.47 16.39
N ASP A 56 -4.86 24.93 16.58
CA ASP A 56 -4.27 23.95 15.68
C ASP A 56 -4.83 22.58 16.05
N LEU A 57 -5.58 21.99 15.13
CA LEU A 57 -6.14 20.65 15.34
C LEU A 57 -5.10 19.55 15.25
N ASN A 58 -4.03 19.77 14.49
CA ASN A 58 -3.06 18.70 14.24
C ASN A 58 -2.35 18.30 15.53
N GLY A 59 -2.18 17.00 15.73
CA GLY A 59 -1.56 16.50 16.96
C GLY A 59 -2.58 16.07 18.02
N ARG A 60 -3.78 16.62 17.97
CA ARG A 60 -4.85 16.18 18.87
CA ARG A 60 -4.86 16.18 18.86
C ARG A 60 -5.40 14.85 18.34
N THR A 61 -6.04 14.09 19.21
CA THR A 61 -6.59 12.79 18.81
C THR A 61 -7.93 12.97 18.12
N ALA A 62 -8.30 12.00 17.29
CA ALA A 62 -9.61 12.02 16.63
C ALA A 62 -10.74 12.14 17.66
N GLU A 63 -10.55 11.44 18.79
CA GLU A 63 -11.53 11.46 19.88
C GLU A 63 -11.60 12.80 20.61
N ASP A 64 -10.43 13.44 20.80
CA ASP A 64 -10.40 14.77 21.40
C ASP A 64 -11.14 15.79 20.52
N VAL A 65 -11.00 15.66 19.20
CA VAL A 65 -11.56 16.62 18.25
C VAL A 65 -13.06 16.34 17.97
N LEU A 66 -13.37 15.08 17.70
CA LEU A 66 -14.72 14.70 17.24
C LEU A 66 -15.58 13.96 18.28
N GLY A 67 -14.96 13.51 19.37
CA GLY A 67 -15.67 12.72 20.39
C GLY A 67 -15.62 11.23 20.11
N LYS A 68 -15.81 10.42 21.14
CA LYS A 68 -15.66 8.97 21.02
C LYS A 68 -16.79 8.34 20.21
N ARG A 69 -18.02 8.83 20.37
CA ARG A 69 -19.16 8.29 19.63
C ARG A 69 -18.94 8.40 18.12
N LEU A 70 -18.59 9.59 17.65
CA LEU A 70 -18.40 9.79 16.22
C LEU A 70 -17.23 8.98 15.67
N VAL A 71 -16.09 9.03 16.36
CA VAL A 71 -14.90 8.29 15.93
C VAL A 71 -15.17 6.79 15.88
N HIS A 72 -15.91 6.27 16.86
CA HIS A 72 -16.31 4.86 16.86
C HIS A 72 -17.11 4.46 15.62
N ASP A 73 -18.09 5.28 15.26
CA ASP A 73 -18.93 5.00 14.10
C ASP A 73 -18.14 5.10 12.80
N LEU A 74 -17.19 6.04 12.74
CA LEU A 74 -16.37 6.22 11.54
C LEU A 74 -15.43 5.02 11.31
N ARG A 75 -14.75 4.56 12.37
CA ARG A 75 -13.94 3.33 12.28
C ARG A 75 -14.75 2.15 11.74
N ASN A 76 -15.97 2.00 12.26
CA ASN A 76 -16.84 0.89 11.87
C ASN A 76 -17.32 0.97 10.41
N ALA A 77 -17.28 2.15 9.82
CA ALA A 77 -17.71 2.31 8.43
C ALA A 77 -16.62 2.02 7.40
N LEU A 78 -15.38 1.84 7.84
CA LEU A 78 -14.25 1.64 6.92
C LEU A 78 -14.32 0.31 6.13
N THR A 79 -14.03 -0.81 6.80
CA THR A 79 -14.07 -2.13 6.15
C THR A 79 -13.58 -2.12 4.69
N THR A 84 -12.69 -1.15 -3.04
CA THR A 84 -11.27 -0.76 -3.06
C THR A 84 -11.04 0.45 -2.13
N THR A 85 -11.10 1.66 -2.70
CA THR A 85 -10.97 2.89 -1.93
C THR A 85 -12.23 3.76 -2.08
N ARG A 86 -13.37 3.11 -2.36
CA ARG A 86 -14.65 3.80 -2.55
C ARG A 86 -15.16 4.42 -1.25
N PRO A 87 -15.38 5.74 -1.24
CA PRO A 87 -15.71 6.45 0.00
C PRO A 87 -17.00 5.97 0.65
N ALA A 88 -17.01 5.87 1.97
CA ALA A 88 -18.25 5.61 2.71
C ALA A 88 -19.03 6.93 2.85
N MET A 89 -20.35 6.87 2.69
CA MET A 89 -21.25 8.03 2.74
C MET A 89 -22.08 7.93 4.01
N LEU A 90 -21.88 8.86 4.93
CA LEU A 90 -22.57 8.84 6.21
C LEU A 90 -23.35 10.16 6.38
N PRO A 91 -24.64 10.15 5.99
CA PRO A 91 -25.46 11.35 6.15
C PRO A 91 -25.85 11.60 7.60
N ALA A 92 -26.14 12.87 7.90
CA ALA A 92 -26.72 13.25 9.20
C ALA A 92 -25.98 12.65 10.38
N MET A 93 -24.68 12.89 10.42
CA MET A 93 -23.85 12.49 11.55
C MET A 93 -23.62 13.70 12.46
N GLU A 94 -23.54 13.45 13.76
CA GLU A 94 -23.35 14.53 14.72
C GLU A 94 -22.01 14.43 15.43
N THR A 95 -21.38 15.58 15.59
CA THR A 95 -20.23 15.72 16.46
C THR A 95 -20.72 15.74 17.91
N SER A 96 -19.78 15.68 18.86
CA SER A 96 -20.11 15.77 20.29
C SER A 96 -20.85 17.07 20.62
N ASP A 97 -20.51 18.13 19.88
CA ASP A 97 -21.13 19.45 20.03
C ASP A 97 -22.65 19.44 19.75
N GLY A 98 -23.06 18.61 18.80
CA GLY A 98 -24.46 18.58 18.35
C GLY A 98 -24.63 19.10 16.94
N ARG A 99 -23.56 19.67 16.38
CA ARG A 99 -23.57 20.12 15.00
C ARG A 99 -23.72 18.91 14.08
N SER A 100 -24.53 19.06 13.04
CA SER A 100 -24.89 17.94 12.17
C SER A 100 -24.21 18.08 10.80
N PHE A 101 -23.67 16.97 10.29
CA PHE A 101 -22.93 16.97 9.03
C PHE A 101 -23.22 15.74 8.20
N ASP A 102 -23.10 15.87 6.88
CA ASP A 102 -23.00 14.72 5.98
C ASP A 102 -21.50 14.46 5.83
N ILE A 103 -21.07 13.25 6.18
CA ILE A 103 -19.66 12.91 6.24
C ILE A 103 -19.26 11.90 5.16
N SER A 104 -18.26 12.24 4.35
CA SER A 104 -17.65 11.30 3.41
C SER A 104 -16.29 10.85 3.96
N LEU A 105 -16.10 9.54 4.02
CA LEU A 105 -14.95 8.92 4.69
C LEU A 105 -14.26 7.92 3.76
N HIS A 106 -12.95 8.04 3.57
CA HIS A 106 -12.18 7.05 2.80
C HIS A 106 -10.73 6.96 3.20
N ARG A 107 -10.10 5.86 2.77
CA ARG A 107 -8.67 5.65 2.95
C ARG A 107 -7.95 5.49 1.62
N TYR A 108 -6.83 6.19 1.47
CA TYR A 108 -6.03 6.07 0.25
C TYR A 108 -4.58 6.34 0.59
N LYS A 109 -3.69 5.52 0.06
CA LYS A 109 -2.28 5.56 0.43
C LYS A 109 -2.15 5.66 1.95
N SER A 110 -2.94 4.82 2.62
CA SER A 110 -2.87 4.71 4.06
C SER A 110 -2.90 6.07 4.82
N THR A 111 -3.70 7.00 4.32
CA THR A 111 -4.13 8.18 5.06
C THR A 111 -5.67 8.12 5.09
N THR A 112 -6.27 8.50 6.20
CA THR A 112 -7.73 8.54 6.27
C THR A 112 -8.21 9.97 6.08
N ILE A 113 -9.22 10.12 5.23
CA ILE A 113 -9.76 11.43 4.91
C ILE A 113 -11.23 11.53 5.26
N ILE A 114 -11.54 12.50 6.11
CA ILE A 114 -12.90 12.78 6.58
C ILE A 114 -13.37 14.14 6.06
N GLU A 115 -14.44 14.13 5.26
CA GLU A 115 -15.02 15.37 4.72
C GLU A 115 -16.38 15.65 5.31
N PHE A 116 -16.61 16.90 5.70
CA PHE A 116 -17.83 17.30 6.40
C PHE A 116 -18.61 18.31 5.57
N GLU A 117 -19.90 18.03 5.35
CA GLU A 117 -20.81 19.01 4.80
C GLU A 117 -21.84 19.37 5.85
N PRO A 118 -21.93 20.67 6.20
CA PRO A 118 -23.01 21.01 7.12
C PRO A 118 -24.32 20.66 6.47
N SER A 119 -25.18 19.90 7.16
CA SER A 119 -26.56 19.67 6.73
C SER A 119 -27.50 19.81 7.93
N GLY A 127 -36.85 7.47 -4.03
CA GLY A 127 -36.66 6.75 -5.29
C GLY A 127 -36.20 7.62 -6.44
N THR A 128 -35.45 8.69 -6.15
CA THR A 128 -35.00 9.62 -7.19
C THR A 128 -34.28 8.87 -8.30
N ALA A 129 -33.26 8.10 -7.91
CA ALA A 129 -32.43 7.39 -8.88
C ALA A 129 -33.25 6.37 -9.66
N ARG A 130 -34.06 5.58 -8.96
CA ARG A 130 -34.86 4.56 -9.63
C ARG A 130 -35.81 5.17 -10.68
N LYS A 131 -36.46 6.27 -10.30
CA LYS A 131 -37.38 6.96 -11.21
C LYS A 131 -36.65 7.53 -12.41
N MET A 132 -35.46 8.08 -12.20
CA MET A 132 -34.65 8.54 -13.32
C MET A 132 -34.26 7.40 -14.25
N VAL A 133 -33.76 6.31 -13.69
CA VAL A 133 -33.32 5.18 -14.48
C VAL A 133 -34.50 4.56 -15.25
N ASP A 134 -35.69 4.47 -14.66
CA ASP A 134 -36.89 4.02 -15.40
C ASP A 134 -37.14 4.82 -16.66
N ARG A 135 -36.80 6.11 -16.64
CA ARG A 135 -37.03 6.94 -17.80
C ARG A 135 -35.98 6.83 -18.90
N ILE A 136 -34.87 6.12 -18.65
CA ILE A 136 -33.91 5.82 -19.72
C ILE A 136 -33.78 4.36 -20.11
N ARG A 137 -34.31 3.44 -19.31
CA ARG A 137 -34.00 2.02 -19.51
CA ARG A 137 -34.04 2.02 -19.50
C ARG A 137 -34.59 1.47 -20.81
N GLU A 138 -35.65 2.07 -21.32
CA GLU A 138 -36.23 1.59 -22.55
C GLU A 138 -35.65 2.24 -23.82
N ALA A 139 -34.71 3.18 -23.69
CA ALA A 139 -34.04 3.74 -24.88
C ALA A 139 -33.54 2.56 -25.73
N ASP A 140 -33.77 2.62 -27.05
CA ASP A 140 -33.39 1.53 -27.97
C ASP A 140 -32.33 1.94 -29.00
N SER A 141 -31.70 3.08 -28.80
CA SER A 141 -30.57 3.48 -29.62
C SER A 141 -29.68 4.38 -28.78
N VAL A 142 -28.42 4.48 -29.17
CA VAL A 142 -27.50 5.37 -28.51
C VAL A 142 -28.02 6.82 -28.57
N GLU A 143 -28.48 7.25 -29.74
CA GLU A 143 -28.96 8.65 -29.89
C GLU A 143 -30.17 8.92 -29.01
N SER A 144 -31.11 7.98 -28.97
CA SER A 144 -32.26 8.11 -28.07
C SER A 144 -31.85 8.17 -26.59
N LEU A 145 -30.86 7.38 -26.20
CA LEU A 145 -30.39 7.41 -24.82
C LEU A 145 -29.78 8.78 -24.47
N ILE A 146 -28.85 9.25 -25.30
CA ILE A 146 -28.09 10.43 -24.95
C ILE A 146 -28.92 11.69 -25.08
N SER A 147 -29.82 11.74 -26.08
CA SER A 147 -30.70 12.90 -26.26
CA SER A 147 -30.69 12.90 -26.26
C SER A 147 -31.57 13.10 -25.03
N ARG A 148 -32.19 12.03 -24.55
CA ARG A 148 -33.17 12.18 -23.47
C ARG A 148 -32.49 12.44 -22.12
N THR A 149 -31.23 12.04 -22.02
CA THR A 149 -30.55 12.10 -20.74
C THR A 149 -30.20 13.52 -20.34
N THR A 150 -29.74 14.35 -21.28
CA THR A 150 -29.48 15.74 -20.93
C THR A 150 -30.74 16.44 -20.49
N ARG A 151 -31.82 16.21 -21.24
CA ARG A 151 -33.12 16.79 -20.94
C ARG A 151 -33.59 16.37 -19.54
N LEU A 152 -33.41 15.09 -19.23
CA LEU A 152 -33.85 14.51 -17.96
C LEU A 152 -33.01 14.98 -16.76
N VAL A 153 -31.69 15.02 -16.94
CA VAL A 153 -30.79 15.48 -15.88
C VAL A 153 -31.02 16.98 -15.58
N LYS A 154 -31.26 17.77 -16.60
CA LYS A 154 -31.58 19.19 -16.41
C LYS A 154 -32.88 19.39 -15.63
N ALA A 155 -33.95 18.69 -16.03
CA ALA A 155 -35.23 18.77 -15.30
C ALA A 155 -35.09 18.31 -13.84
N THR A 156 -34.29 17.28 -13.60
CA THR A 156 -34.25 16.66 -12.28
C THR A 156 -33.35 17.44 -11.35
N LEU A 157 -32.14 17.77 -11.81
CA LEU A 157 -31.15 18.37 -10.95
C LEU A 157 -31.14 19.90 -11.04
N GLY A 158 -31.78 20.46 -12.07
CA GLY A 158 -31.98 21.91 -12.14
C GLY A 158 -30.81 22.78 -12.58
N TYR A 159 -29.78 22.18 -13.17
CA TYR A 159 -28.64 22.94 -13.71
C TYR A 159 -29.03 23.72 -14.97
N ASP A 160 -28.45 24.91 -15.17
CA ASP A 160 -28.81 25.78 -16.29
C ASP A 160 -28.47 25.15 -17.64
N ARG A 161 -27.44 24.32 -17.67
CA ARG A 161 -27.01 23.64 -18.89
CA ARG A 161 -27.06 23.62 -18.89
C ARG A 161 -26.52 22.25 -18.54
N VAL A 162 -26.91 21.25 -19.33
CA VAL A 162 -26.39 19.90 -19.20
C VAL A 162 -25.99 19.39 -20.58
N LEU A 163 -24.76 18.92 -20.67
CA LEU A 163 -24.15 18.47 -21.92
C LEU A 163 -23.72 17.01 -21.77
N ILE A 164 -23.62 16.30 -22.88
CA ILE A 164 -22.84 15.07 -22.91
C ILE A 164 -21.65 15.28 -23.85
N TYR A 165 -20.47 15.01 -23.31
CA TYR A 165 -19.18 15.25 -23.98
C TYR A 165 -18.54 13.88 -24.22
N ARG A 166 -18.41 13.49 -25.49
CA ARG A 166 -17.92 12.18 -25.88
C ARG A 166 -16.48 12.24 -26.39
N PHE A 167 -15.61 11.35 -25.88
CA PHE A 167 -14.24 11.31 -26.34
C PHE A 167 -14.07 10.61 -27.67
N GLU A 168 -13.44 11.29 -28.61
CA GLU A 168 -12.96 10.71 -29.86
C GLU A 168 -11.78 9.79 -29.55
N GLU A 169 -11.33 9.03 -30.53
CA GLU A 169 -10.26 8.05 -30.28
C GLU A 169 -8.93 8.74 -29.93
N ASP A 170 -8.66 9.89 -30.54
CA ASP A 170 -7.48 10.68 -30.18
C ASP A 170 -7.60 11.46 -28.86
N GLY A 171 -8.75 11.39 -28.18
CA GLY A 171 -8.95 12.11 -26.91
C GLY A 171 -9.66 13.46 -27.05
N ALA A 172 -9.83 13.93 -28.27
CA ALA A 172 -10.59 15.15 -28.50
C ALA A 172 -12.05 14.88 -28.08
N GLY A 173 -12.76 15.92 -27.66
CA GLY A 173 -14.11 15.76 -27.20
C GLY A 173 -15.12 16.34 -28.16
N LYS A 174 -16.30 15.73 -28.22
CA LYS A 174 -17.39 16.25 -29.02
C LYS A 174 -18.64 16.40 -28.14
N VAL A 175 -19.29 17.56 -28.23
CA VAL A 175 -20.56 17.74 -27.52
C VAL A 175 -21.67 17.04 -28.31
N VAL A 176 -22.18 15.93 -27.79
CA VAL A 176 -23.13 15.09 -28.54
C VAL A 176 -24.59 15.24 -28.10
N SER A 177 -24.83 15.89 -26.97
CA SER A 177 -26.19 16.19 -26.55
C SER A 177 -26.17 17.42 -25.65
N GLU A 178 -27.26 18.15 -25.62
CA GLU A 178 -27.34 19.38 -24.84
C GLU A 178 -28.75 19.76 -24.46
N ALA A 179 -28.91 20.18 -23.21
CA ALA A 179 -30.14 20.81 -22.76
C ALA A 179 -29.74 22.04 -21.96
N LYS A 180 -30.38 23.18 -22.26
CA LYS A 180 -29.96 24.46 -21.70
C LYS A 180 -31.07 25.45 -21.57
N GLN A 181 -30.89 26.41 -20.65
CA GLN A 181 -31.75 27.59 -20.64
C GLN A 181 -31.74 28.23 -22.04
N PRO A 182 -32.91 28.67 -22.55
CA PRO A 182 -33.01 29.25 -23.89
C PRO A 182 -32.04 30.41 -24.22
N GLU A 183 -31.74 31.27 -23.26
CA GLU A 183 -30.87 32.42 -23.49
C GLU A 183 -29.35 32.06 -23.60
N LEU A 184 -28.97 30.89 -23.09
CA LEU A 184 -27.57 30.44 -23.14
C LEU A 184 -27.17 29.98 -24.54
N GLU A 185 -25.90 30.16 -24.88
CA GLU A 185 -25.37 29.69 -26.16
C GLU A 185 -25.28 28.16 -26.18
N SER A 186 -25.37 27.61 -27.38
CA SER A 186 -25.31 26.18 -27.64
C SER A 186 -23.89 25.76 -27.99
N PHE A 187 -23.47 24.61 -27.47
CA PHE A 187 -22.19 24.02 -27.81
C PHE A 187 -22.33 22.75 -28.63
N LEU A 188 -23.55 22.44 -29.05
CA LEU A 188 -23.88 21.16 -29.66
C LEU A 188 -23.18 20.98 -30.99
N GLY A 189 -22.58 19.81 -31.21
CA GLY A 189 -21.81 19.54 -32.42
C GLY A 189 -20.38 20.10 -32.42
N GLN A 190 -19.99 20.88 -31.41
CA GLN A 190 -18.63 21.41 -31.34
C GLN A 190 -17.63 20.41 -30.76
N TYR A 191 -16.37 20.57 -31.14
CA TYR A 191 -15.28 19.73 -30.67
C TYR A 191 -14.24 20.57 -29.94
N PHE A 192 -13.55 19.91 -29.02
CA PHE A 192 -12.47 20.56 -28.30
C PHE A 192 -11.25 19.64 -28.24
N PRO A 193 -10.04 20.24 -28.19
CA PRO A 193 -8.79 19.49 -28.24
C PRO A 193 -8.65 18.53 -27.07
N ALA A 194 -7.92 17.44 -27.29
CA ALA A 194 -7.58 16.50 -26.21
C ALA A 194 -7.02 17.21 -24.97
N SER A 195 -6.15 18.18 -25.20
CA SER A 195 -5.51 18.89 -24.10
C SER A 195 -6.46 19.65 -23.18
N ASP A 196 -7.68 19.96 -23.62
CA ASP A 196 -8.61 20.71 -22.76
C ASP A 196 -9.09 19.94 -21.54
N ILE A 197 -9.10 18.62 -21.63
CA ILE A 197 -9.29 17.74 -20.47
C ILE A 197 -8.02 16.88 -20.45
N PRO A 198 -7.00 17.32 -19.71
CA PRO A 198 -5.69 16.67 -19.80
C PRO A 198 -5.70 15.18 -19.41
N GLN A 199 -4.60 14.51 -19.73
CA GLN A 199 -4.40 13.08 -19.46
C GLN A 199 -4.62 12.73 -17.98
N GLN A 200 -4.02 13.48 -17.08
CA GLN A 200 -4.13 13.22 -15.65
C GLN A 200 -5.53 13.50 -15.11
N ALA A 201 -6.27 14.41 -15.76
CA ALA A 201 -7.65 14.66 -15.40
C ALA A 201 -8.51 13.44 -15.74
N ARG A 202 -8.31 12.90 -16.95
CA ARG A 202 -9.04 11.73 -17.42
C ARG A 202 -8.74 10.48 -16.59
N ALA A 203 -7.52 10.40 -16.05
CA ALA A 203 -7.16 9.31 -15.11
C ALA A 203 -7.87 9.46 -13.77
N LEU A 204 -7.89 10.68 -13.21
CA LEU A 204 -8.67 10.94 -11.99
C LEU A 204 -10.13 10.56 -12.16
N TYR A 205 -10.70 10.88 -13.33
CA TYR A 205 -12.15 10.73 -13.55
C TYR A 205 -12.50 9.26 -13.75
N LEU A 206 -11.48 8.44 -13.89
CA LEU A 206 -11.63 7.00 -13.89
C LEU A 206 -11.77 6.44 -12.45
N LYS A 207 -11.42 7.24 -11.44
CA LYS A 207 -11.48 6.85 -10.03
C LYS A 207 -12.70 7.45 -9.36
N ASN A 208 -12.79 8.77 -9.35
CA ASN A 208 -13.97 9.49 -8.86
C ASN A 208 -14.92 9.65 -10.02
N THR A 209 -16.12 9.07 -9.92
CA THR A 209 -17.06 9.14 -11.02
C THR A 209 -18.01 10.35 -10.99
N LEU A 210 -18.11 11.04 -9.85
CA LEU A 210 -18.94 12.23 -9.72
C LEU A 210 -18.12 13.35 -9.08
N ARG A 211 -18.12 14.53 -9.71
CA ARG A 211 -17.34 15.69 -9.25
C ARG A 211 -18.16 16.97 -9.20
N ILE A 212 -17.92 17.79 -8.18
CA ILE A 212 -18.63 19.04 -7.99
C ILE A 212 -17.66 20.20 -7.83
N ILE A 213 -17.92 21.29 -8.55
CA ILE A 213 -17.37 22.62 -8.24
C ILE A 213 -18.53 23.51 -7.79
N SER A 214 -18.51 23.94 -6.53
CA SER A 214 -19.61 24.71 -5.94
C SER A 214 -19.59 26.17 -6.36
N ASP A 215 -18.39 26.75 -6.43
CA ASP A 215 -18.25 28.17 -6.75
C ASP A 215 -16.88 28.42 -7.39
N ALA A 216 -16.89 28.60 -8.71
CA ALA A 216 -15.69 28.88 -9.47
C ALA A 216 -15.05 30.23 -9.13
N SER A 217 -15.78 31.11 -8.45
CA SER A 217 -15.21 32.38 -7.98
C SER A 217 -15.04 32.40 -6.46
N GLY A 218 -15.23 31.26 -5.81
CA GLY A 218 -15.11 31.21 -4.37
C GLY A 218 -13.66 31.26 -3.94
N THR A 219 -13.46 31.51 -2.66
CA THR A 219 -12.12 31.56 -2.08
CA THR A 219 -12.11 31.54 -2.10
CA THR A 219 -12.10 31.54 -2.12
C THR A 219 -11.76 30.17 -1.54
N PRO A 220 -10.70 29.52 -2.10
CA PRO A 220 -10.34 28.18 -1.63
C PRO A 220 -9.74 28.14 -0.24
N ILE A 221 -9.76 26.96 0.37
CA ILE A 221 -9.39 26.77 1.76
C ILE A 221 -8.15 25.90 1.83
N PRO A 222 -7.03 26.46 2.37
CA PRO A 222 -5.80 25.66 2.43
C PRO A 222 -5.91 24.47 3.39
N VAL A 223 -5.23 23.38 3.05
CA VAL A 223 -5.05 22.25 3.95
C VAL A 223 -3.77 22.52 4.75
N LEU A 224 -3.84 22.38 6.07
CA LEU A 224 -2.72 22.70 6.97
C LEU A 224 -2.21 21.42 7.63
N PRO A 225 -0.97 21.00 7.32
CA PRO A 225 -0.04 21.58 6.35
C PRO A 225 -0.21 20.99 4.96
N ALA A 226 0.22 21.72 3.94
CA ALA A 226 0.11 21.26 2.56
C ALA A 226 1.15 20.17 2.29
N VAL A 227 2.33 20.35 2.85
CA VAL A 227 3.36 19.33 2.82
C VAL A 227 3.66 18.97 4.27
N ASP A 228 3.62 17.68 4.60
CA ASP A 228 3.87 17.25 5.99
C ASP A 228 5.38 17.22 6.28
N VAL A 229 5.75 16.89 7.50
CA VAL A 229 7.16 16.96 7.92
C VAL A 229 8.07 16.09 7.04
N SER A 230 7.59 14.94 6.58
CA SER A 230 8.39 14.01 5.75
C SER A 230 8.41 14.34 4.24
N GLY A 231 7.81 15.47 3.84
CA GLY A 231 7.82 15.93 2.44
C GLY A 231 6.67 15.45 1.55
N GLU A 232 5.63 14.87 2.15
CA GLU A 232 4.52 14.35 1.34
C GLU A 232 3.37 15.35 1.28
N PRO A 233 2.79 15.52 0.07
CA PRO A 233 1.55 16.30 -0.07
C PRO A 233 0.36 15.43 0.30
N LEU A 234 -0.81 16.04 0.48
CA LEU A 234 -2.02 15.27 0.75
C LEU A 234 -2.69 14.90 -0.56
N ASP A 235 -2.78 13.61 -0.85
CA ASP A 235 -3.41 13.13 -2.08
C ASP A 235 -4.95 13.14 -1.98
N LEU A 236 -5.58 14.08 -2.69
CA LEU A 236 -7.02 14.32 -2.60
C LEU A 236 -7.80 13.70 -3.76
N SER A 237 -7.21 12.68 -4.40
CA SER A 237 -7.82 12.00 -5.55
C SER A 237 -9.27 11.62 -5.34
N TYR A 238 -9.56 11.10 -4.15
CA TYR A 238 -10.89 10.58 -3.84
C TYR A 238 -11.73 11.52 -2.97
N ALA A 239 -11.23 12.71 -2.71
CA ALA A 239 -11.88 13.67 -1.86
C ALA A 239 -12.82 14.53 -2.71
N HIS A 240 -14.10 14.57 -2.32
CA HIS A 240 -15.04 15.34 -3.10
C HIS A 240 -14.89 16.84 -2.90
N LEU A 241 -14.22 17.23 -1.81
CA LEU A 241 -13.95 18.65 -1.58
C LEU A 241 -12.69 19.14 -2.26
N ARG A 242 -12.00 18.26 -2.99
CA ARG A 242 -10.78 18.66 -3.70
C ARG A 242 -10.96 19.93 -4.52
N ASN A 243 -10.05 20.89 -4.39
CA ASN A 243 -10.14 22.11 -5.19
C ASN A 243 -9.61 21.81 -6.59
N PHE A 244 -10.28 22.36 -7.61
CA PHE A 244 -9.93 22.10 -9.00
C PHE A 244 -8.85 23.04 -9.52
N SER A 245 -8.16 22.63 -10.59
CA SER A 245 -7.17 23.47 -11.25
C SER A 245 -7.68 24.88 -11.48
N PRO A 246 -6.84 25.89 -11.19
CA PRO A 246 -7.24 27.25 -11.48
C PRO A 246 -7.37 27.53 -12.97
N ILE A 247 -6.79 26.68 -13.82
CA ILE A 247 -6.90 26.83 -15.27
C ILE A 247 -8.37 26.53 -15.66
N HIS A 248 -8.87 25.40 -15.16
CA HIS A 248 -10.24 25.04 -15.45
C HIS A 248 -11.24 26.03 -14.86
N CYS A 249 -11.02 26.43 -13.61
CA CYS A 249 -11.89 27.40 -12.94
C CYS A 249 -11.97 28.72 -13.71
N GLU A 250 -10.83 29.18 -14.24
CA GLU A 250 -10.81 30.37 -15.08
C GLU A 250 -11.51 30.14 -16.44
N TYR A 251 -11.34 28.97 -17.03
CA TYR A 251 -12.10 28.59 -18.23
C TYR A 251 -13.62 28.77 -17.97
N LEU A 252 -14.07 28.29 -16.81
CA LEU A 252 -15.49 28.35 -16.46
C LEU A 252 -15.98 29.79 -16.28
N ARG A 253 -15.23 30.60 -15.54
CA ARG A 253 -15.60 31.99 -15.31
C ARG A 253 -15.71 32.74 -16.63
N ASN A 254 -14.84 32.41 -17.58
CA ASN A 254 -14.89 33.08 -18.88
C ASN A 254 -16.19 32.71 -19.63
N MET A 255 -16.72 31.53 -19.35
CA MET A 255 -17.99 31.08 -19.97
C MET A 255 -19.20 31.64 -19.25
N GLY A 256 -19.02 32.34 -18.13
CA GLY A 256 -20.15 32.74 -17.28
C GLY A 256 -20.64 31.59 -16.41
N VAL A 257 -19.80 30.59 -16.17
CA VAL A 257 -20.22 29.44 -15.36
C VAL A 257 -19.64 29.54 -13.96
N ALA A 258 -20.50 29.47 -12.95
CA ALA A 258 -20.08 29.60 -11.56
C ALA A 258 -19.97 28.29 -10.85
N ALA A 259 -20.65 27.26 -11.35
CA ALA A 259 -20.63 25.95 -10.68
C ALA A 259 -20.79 24.83 -11.69
N SER A 260 -20.36 23.65 -11.33
CA SER A 260 -20.50 22.53 -12.22
C SER A 260 -20.59 21.22 -11.48
N MET A 261 -21.08 20.23 -12.21
CA MET A 261 -21.03 18.85 -11.77
CA MET A 261 -21.07 18.85 -11.76
C MET A 261 -20.79 18.00 -12.99
N SER A 262 -19.94 16.99 -12.85
CA SER A 262 -19.74 16.06 -13.94
CA SER A 262 -19.68 16.06 -13.93
C SER A 262 -19.78 14.62 -13.47
N ILE A 263 -20.30 13.76 -14.35
CA ILE A 263 -20.35 12.32 -14.10
C ILE A 263 -19.53 11.61 -15.16
N SER A 264 -18.61 10.76 -14.73
CA SER A 264 -17.84 9.94 -15.65
C SER A 264 -18.77 8.87 -16.26
N VAL A 265 -18.68 8.69 -17.58
CA VAL A 265 -19.42 7.67 -18.30
C VAL A 265 -18.37 6.61 -18.64
N ILE A 266 -18.53 5.41 -18.04
CA ILE A 266 -17.57 4.32 -18.14
C ILE A 266 -18.14 3.18 -19.00
N VAL A 267 -17.53 2.92 -20.15
CA VAL A 267 -18.00 1.90 -21.05
C VAL A 267 -16.85 0.97 -21.34
N ASP A 268 -17.07 -0.33 -21.14
CA ASP A 268 -16.02 -1.37 -21.31
C ASP A 268 -14.76 -0.99 -20.57
N ASP A 269 -14.93 -0.57 -19.32
CA ASP A 269 -13.84 -0.20 -18.41
C ASP A 269 -13.02 1.05 -18.79
N ALA A 270 -13.49 1.84 -19.74
CA ALA A 270 -12.79 3.07 -20.18
C ALA A 270 -13.70 4.29 -20.12
N LEU A 271 -13.08 5.46 -20.16
CA LEU A 271 -13.79 6.73 -20.05
C LEU A 271 -14.33 7.12 -21.41
N TRP A 272 -15.61 6.88 -21.62
CA TRP A 272 -16.23 7.12 -22.92
C TRP A 272 -16.48 8.61 -23.07
N GLY A 273 -16.77 9.25 -21.95
CA GLY A 273 -17.20 10.63 -21.98
C GLY A 273 -17.65 11.10 -20.61
N LEU A 274 -18.27 12.27 -20.60
CA LEU A 274 -18.75 12.91 -19.39
C LEU A 274 -20.16 13.45 -19.58
N ILE A 275 -20.97 13.34 -18.55
CA ILE A 275 -22.16 14.19 -18.42
C ILE A 275 -21.69 15.40 -17.65
N VAL A 276 -21.87 16.60 -18.22
CA VAL A 276 -21.34 17.84 -17.66
C VAL A 276 -22.48 18.83 -17.45
N CYS A 277 -22.67 19.26 -16.22
CA CYS A 277 -23.69 20.20 -15.85
C CYS A 277 -23.04 21.53 -15.50
N HIS A 278 -23.58 22.61 -16.04
CA HIS A 278 -23.12 23.98 -15.75
C HIS A 278 -24.23 24.78 -15.07
N HIS A 279 -23.90 25.56 -14.05
CA HIS A 279 -24.83 26.55 -13.50
C HIS A 279 -24.20 27.96 -13.59
N CYS A 280 -25.01 28.97 -13.91
CA CYS A 280 -24.52 30.35 -14.00
C CYS A 280 -24.48 31.04 -12.64
N SER A 281 -24.87 30.35 -11.57
CA SER A 281 -24.67 30.88 -10.22
C SER A 281 -24.20 29.73 -9.32
N PRO A 282 -23.67 30.05 -8.13
CA PRO A 282 -23.13 28.99 -7.26
C PRO A 282 -24.14 27.89 -6.93
N ARG A 283 -23.67 26.65 -6.82
CA ARG A 283 -24.59 25.54 -6.61
C ARG A 283 -23.89 24.33 -6.05
N VAL A 284 -24.41 23.80 -4.95
CA VAL A 284 -23.99 22.52 -4.41
C VAL A 284 -25.13 21.50 -4.40
N LEU A 285 -24.78 20.26 -4.69
CA LEU A 285 -25.64 19.13 -4.49
C LEU A 285 -25.36 18.50 -3.13
N SER A 286 -26.42 18.30 -2.35
CA SER A 286 -26.29 17.63 -1.06
C SER A 286 -25.89 16.16 -1.27
N MET A 287 -25.45 15.51 -0.20
CA MET A 287 -24.95 14.15 -0.32
C MET A 287 -26.00 13.19 -0.90
N PRO A 288 -27.26 13.23 -0.40
CA PRO A 288 -28.33 12.34 -0.93
C PRO A 288 -28.59 12.54 -2.42
N VAL A 289 -28.55 13.79 -2.86
CA VAL A 289 -28.66 14.08 -4.27
C VAL A 289 -27.44 13.59 -5.05
N ARG A 290 -26.23 13.75 -4.52
CA ARG A 290 -25.07 13.24 -5.26
C ARG A 290 -25.16 11.72 -5.41
N ILE A 291 -25.60 11.03 -4.35
CA ILE A 291 -25.68 9.58 -4.34
C ILE A 291 -26.68 9.11 -5.39
N ALA A 292 -27.80 9.79 -5.48
CA ALA A 292 -28.82 9.43 -6.49
C ALA A 292 -28.27 9.63 -7.88
N ALA A 293 -27.51 10.71 -8.09
CA ALA A 293 -26.97 11.03 -9.41
C ALA A 293 -25.84 10.12 -9.85
N ALA A 294 -25.01 9.70 -8.90
CA ALA A 294 -23.97 8.72 -9.20
C ALA A 294 -24.64 7.42 -9.65
N MET A 295 -25.64 7.00 -8.91
CA MET A 295 -26.37 5.77 -9.22
CA MET A 295 -26.35 5.76 -9.23
C MET A 295 -26.96 5.85 -10.62
N PHE A 296 -27.59 6.98 -10.94
CA PHE A 296 -28.09 7.22 -12.29
C PHE A 296 -26.99 7.08 -13.32
N GLY A 297 -25.84 7.68 -13.05
CA GLY A 297 -24.73 7.63 -13.98
C GLY A 297 -24.24 6.23 -14.25
N GLU A 298 -24.27 5.39 -13.24
CA GLU A 298 -23.84 4.01 -13.40
C GLU A 298 -24.80 3.23 -14.30
N PHE A 299 -26.09 3.42 -14.12
CA PHE A 299 -27.06 2.79 -15.01
C PHE A 299 -26.97 3.35 -16.43
N PHE A 300 -26.79 4.66 -16.54
CA PHE A 300 -26.62 5.27 -17.85
C PHE A 300 -25.43 4.65 -18.57
N SER A 301 -24.31 4.51 -17.86
CA SER A 301 -23.12 3.87 -18.42
C SER A 301 -23.39 2.44 -18.90
N MET A 302 -24.04 1.66 -18.05
CA MET A 302 -24.33 0.29 -18.42
C MET A 302 -25.23 0.22 -19.64
N PHE A 303 -26.28 1.03 -19.67
CA PHE A 303 -27.22 0.97 -20.80
C PHE A 303 -26.59 1.42 -22.10
N LEU A 304 -25.78 2.47 -22.01
CA LEU A 304 -25.04 2.95 -23.18
C LEU A 304 -24.14 1.85 -23.72
N GLN A 305 -23.50 1.11 -22.83
CA GLN A 305 -22.56 0.06 -23.24
C GLN A 305 -23.29 -1.01 -24.02
N VAL A 306 -24.45 -1.43 -23.50
CA VAL A 306 -25.24 -2.46 -24.18
C VAL A 306 -25.75 -1.92 -25.51
N LEU A 307 -26.14 -0.64 -25.56
CA LEU A 307 -26.69 -0.08 -26.79
C LEU A 307 -25.64 0.08 -27.85
N LYS A 308 -24.42 0.42 -27.45
CA LYS A 308 -23.30 0.47 -28.38
C LYS A 308 -23.00 -0.91 -28.94
N GLN A 309 -23.07 -1.90 -28.08
CA GLN A 309 -22.79 -3.27 -28.49
C GLN A 309 -23.86 -3.79 -29.47
N LYS A 310 -25.14 -3.56 -29.16
CA LYS A 310 -26.24 -3.90 -30.09
C LYS A 310 -26.10 -3.16 -31.43
N ARG A 311 -25.70 -1.89 -31.40
CA ARG A 311 -25.55 -1.13 -32.64
C ARG A 311 -24.46 -1.71 -33.52
N ARG A 312 -23.32 -2.02 -32.91
CA ARG A 312 -22.23 -2.68 -33.63
C ARG A 312 -22.67 -4.04 -34.23
N LEU A 313 -23.38 -4.85 -33.45
CA LEU A 313 -23.92 -6.10 -33.98
C LEU A 313 -24.83 -5.87 -35.19
N ASP A 314 -25.77 -4.93 -35.06
CA ASP A 314 -26.68 -4.63 -36.15
C ASP A 314 -25.87 -4.25 -37.38
N THR A 315 -24.88 -3.38 -37.18
CA THR A 315 -24.05 -2.92 -38.26
C THR A 315 -23.32 -4.08 -38.97
N ILE A 316 -22.74 -5.01 -38.21
CA ILE A 316 -22.03 -6.15 -38.79
C ILE A 316 -23.00 -7.09 -39.50
N ASN A 317 -24.13 -7.36 -38.87
CA ASN A 317 -25.16 -8.23 -39.44
C ASN A 317 -25.61 -7.66 -40.80
N HIS A 318 -25.85 -6.34 -40.85
CA HIS A 318 -26.30 -5.66 -42.09
CA HIS A 318 -26.32 -5.72 -42.09
C HIS A 318 -25.24 -5.82 -43.17
N ALA A 319 -23.98 -5.67 -42.80
CA ALA A 319 -22.91 -5.78 -43.77
C ALA A 319 -22.81 -7.19 -44.33
N HIS A 320 -22.95 -8.20 -43.46
CA HIS A 320 -22.92 -9.58 -43.93
C HIS A 320 -24.06 -9.88 -44.90
N ALA A 321 -25.23 -9.35 -44.64
CA ALA A 321 -26.38 -9.60 -45.53
C ALA A 321 -26.17 -8.91 -46.89
N ALA A 322 -25.56 -7.73 -46.88
CA ALA A 322 -25.29 -6.99 -48.12
C ALA A 322 -24.26 -7.72 -48.98
N LEU A 323 -23.22 -8.24 -48.35
CA LEU A 323 -22.23 -9.09 -49.06
C LEU A 323 -22.88 -10.33 -49.68
N ASP A 324 -23.73 -11.00 -48.91
CA ASP A 324 -24.44 -12.17 -49.44
C ASP A 324 -25.28 -11.81 -50.69
N ARG A 325 -25.94 -10.65 -50.68
CA ARG A 325 -26.77 -10.24 -51.80
C ARG A 325 -25.90 -10.06 -53.04
N PHE A 326 -24.73 -9.45 -52.87
CA PHE A 326 -23.82 -9.30 -53.98
C PHE A 326 -23.28 -10.66 -54.49
N LEU A 327 -22.95 -11.55 -53.57
CA LEU A 327 -22.41 -12.85 -53.94
C LEU A 327 -23.47 -13.68 -54.68
N ARG A 328 -24.71 -13.56 -54.25
CA ARG A 328 -25.80 -14.22 -54.93
C ARG A 328 -25.90 -13.76 -56.40
N LEU A 329 -25.66 -12.48 -56.68
CA LEU A 329 -25.62 -11.97 -58.04
C LEU A 329 -24.42 -12.52 -58.79
N ALA A 330 -23.26 -12.58 -58.14
CA ALA A 330 -22.06 -13.07 -58.79
C ALA A 330 -22.24 -14.50 -59.29
N ALA A 331 -23.05 -15.28 -58.58
CA ALA A 331 -23.23 -16.69 -58.93
C ALA A 331 -24.08 -16.88 -60.19
N HIS A 332 -24.79 -15.84 -60.63
CA HIS A 332 -25.56 -15.88 -61.88
C HIS A 332 -24.93 -15.09 -63.04
N ARG A 333 -23.70 -14.58 -62.86
CA ARG A 333 -23.06 -13.77 -63.91
C ARG A 333 -21.81 -14.44 -64.48
N ALA A 334 -21.69 -14.42 -65.79
CA ALA A 334 -20.54 -15.03 -66.48
C ALA A 334 -19.29 -14.13 -66.39
N ASN A 335 -19.49 -12.83 -66.14
CA ASN A 335 -18.43 -11.83 -66.21
C ASN A 335 -18.42 -11.01 -64.92
N LEU A 336 -17.58 -11.42 -63.98
CA LEU A 336 -17.54 -10.81 -62.66
C LEU A 336 -17.08 -9.36 -62.71
N GLU A 337 -16.16 -9.03 -63.61
CA GLU A 337 -15.67 -7.64 -63.74
C GLU A 337 -16.82 -6.69 -64.15
N GLU A 338 -17.57 -7.04 -65.19
CA GLU A 338 -18.72 -6.23 -65.58
C GLU A 338 -19.67 -6.02 -64.42
N LEU A 339 -19.91 -7.09 -63.65
CA LEU A 339 -20.81 -7.00 -62.50
C LEU A 339 -20.31 -5.99 -61.49
N LEU A 340 -19.01 -6.00 -61.24
CA LEU A 340 -18.40 -5.04 -60.31
C LEU A 340 -18.51 -3.62 -60.85
N VAL A 341 -18.22 -3.42 -62.13
CA VAL A 341 -18.38 -2.10 -62.76
C VAL A 341 -19.80 -1.56 -62.62
N ASP A 342 -20.81 -2.44 -62.74
CA ASP A 342 -22.21 -2.03 -62.61
C ASP A 342 -22.69 -1.82 -61.17
N SER A 343 -22.03 -2.50 -60.24
CA SER A 343 -22.53 -2.66 -58.87
C SER A 343 -21.76 -1.94 -57.79
N PHE A 344 -20.53 -1.51 -58.08
CA PHE A 344 -19.59 -1.11 -57.02
C PHE A 344 -20.12 -0.02 -56.10
N GLN A 345 -20.95 0.89 -56.63
CA GLN A 345 -21.52 1.96 -55.80
C GLN A 345 -22.28 1.39 -54.59
N ASP A 346 -22.90 0.23 -54.75
CA ASP A 346 -23.64 -0.40 -53.66
C ASP A 346 -22.77 -0.79 -52.45
N PHE A 347 -21.46 -0.94 -52.66
CA PHE A 347 -20.56 -1.23 -51.55
C PHE A 347 -20.43 -0.03 -50.59
N ALA A 348 -20.87 1.16 -51.00
CA ALA A 348 -20.97 2.30 -50.07
C ALA A 348 -21.91 2.02 -48.88
N ARG A 349 -22.81 1.06 -49.03
CA ARG A 349 -23.67 0.66 -47.94
C ARG A 349 -22.94 -0.07 -46.81
N LEU A 350 -21.78 -0.67 -47.09
CA LEU A 350 -21.03 -1.48 -46.12
C LEU A 350 -20.40 -0.68 -45.02
N ILE A 351 -19.87 0.47 -45.40
CA ILE A 351 -19.03 1.30 -44.55
C ILE A 351 -19.40 2.76 -44.81
N PRO A 352 -19.66 3.55 -43.76
CA PRO A 352 -19.96 4.96 -43.98
C PRO A 352 -18.79 5.67 -44.69
N CYS A 353 -19.13 6.33 -45.78
CA CYS A 353 -18.16 6.99 -46.63
C CYS A 353 -18.88 8.07 -47.43
N ASP A 354 -18.12 8.95 -48.05
CA ASP A 354 -18.68 9.99 -48.93
C ASP A 354 -18.44 9.65 -50.40
N GLY A 355 -17.60 8.65 -50.66
CA GLY A 355 -17.36 8.21 -52.02
C GLY A 355 -16.77 6.82 -52.05
N VAL A 356 -16.91 6.16 -53.19
CA VAL A 356 -16.33 4.84 -53.36
C VAL A 356 -15.96 4.68 -54.81
N GLY A 357 -14.97 3.85 -55.08
CA GLY A 357 -14.57 3.61 -56.44
C GLY A 357 -13.89 2.28 -56.62
N LEU A 358 -13.72 1.91 -57.88
CA LEU A 358 -13.26 0.60 -58.26
C LEU A 358 -12.09 0.76 -59.20
N TRP A 359 -10.98 0.12 -58.86
CA TRP A 359 -9.79 0.13 -59.69
C TRP A 359 -9.57 -1.31 -60.12
N VAL A 360 -9.83 -1.57 -61.40
CA VAL A 360 -9.79 -2.91 -61.95
CA VAL A 360 -9.79 -2.91 -61.94
C VAL A 360 -9.25 -2.85 -63.37
N GLY A 361 -8.34 -3.76 -63.68
CA GLY A 361 -7.71 -3.79 -65.00
C GLY A 361 -7.12 -2.45 -65.38
N ASN A 362 -6.51 -1.78 -64.41
CA ASN A 362 -5.93 -0.46 -64.62
C ASN A 362 -6.91 0.62 -65.14
N ASN A 363 -8.20 0.45 -64.81
CA ASN A 363 -9.22 1.45 -65.08
C ASN A 363 -10.00 1.79 -63.83
N TRP A 364 -10.35 3.07 -63.73
CA TRP A 364 -11.04 3.62 -62.57
C TRP A 364 -12.52 3.87 -62.89
N HIS A 365 -13.37 3.63 -61.89
CA HIS A 365 -14.77 4.04 -61.93
CA HIS A 365 -14.76 4.07 -61.93
C HIS A 365 -15.09 4.58 -60.54
N GLY A 366 -15.63 5.78 -60.46
CA GLY A 366 -15.91 6.43 -59.18
C GLY A 366 -17.37 6.79 -58.99
N HIS A 367 -17.71 7.01 -57.73
CA HIS A 367 -19.06 7.38 -57.33
C HIS A 367 -18.96 8.28 -56.10
N GLY A 368 -19.74 9.35 -56.08
CA GLY A 368 -19.74 10.29 -54.97
C GLY A 368 -18.45 11.08 -54.94
N ALA A 369 -18.00 11.44 -53.73
CA ALA A 369 -16.81 12.27 -53.55
C ALA A 369 -15.53 11.45 -53.54
N THR A 370 -14.79 11.55 -54.64
CA THR A 370 -13.56 10.78 -54.85
C THR A 370 -12.51 11.75 -55.37
N PRO A 371 -11.23 11.35 -55.33
CA PRO A 371 -10.22 12.20 -55.97
C PRO A 371 -10.55 12.41 -57.43
N PRO A 372 -10.02 13.50 -58.04
CA PRO A 372 -10.17 13.68 -59.47
C PRO A 372 -9.71 12.46 -60.26
N HIS A 373 -10.37 12.22 -61.40
CA HIS A 373 -10.06 11.07 -62.24
C HIS A 373 -8.56 10.89 -62.49
N ASP A 374 -7.88 11.97 -62.87
CA ASP A 374 -6.47 11.89 -63.27
C ASP A 374 -5.46 11.76 -62.10
N ALA A 375 -5.93 11.91 -60.86
CA ALA A 375 -5.09 11.69 -59.69
C ALA A 375 -5.11 10.22 -59.23
N ILE A 376 -5.95 9.40 -59.86
CA ILE A 376 -6.18 8.02 -59.41
C ILE A 376 -5.01 7.08 -59.68
N PRO A 377 -4.38 7.16 -60.86
CA PRO A 377 -3.28 6.21 -61.10
C PRO A 377 -2.14 6.35 -60.08
N ARG A 378 -1.80 7.58 -59.68
CA ARG A 378 -0.82 7.78 -58.61
C ARG A 378 -1.31 7.17 -57.30
N LEU A 379 -2.58 7.33 -57.01
CA LEU A 379 -3.15 6.78 -55.79
C LEU A 379 -3.10 5.25 -55.83
N ALA A 380 -3.44 4.69 -56.99
CA ALA A 380 -3.44 3.23 -57.17
C ALA A 380 -2.04 2.62 -57.07
N ARG A 381 -1.03 3.29 -57.64
CA ARG A 381 0.37 2.88 -57.47
C ARG A 381 0.75 2.90 -56.00
N PHE A 382 0.34 3.94 -55.29
CA PHE A 382 0.62 4.01 -53.87
C PHE A 382 -0.03 2.85 -53.14
N VAL A 383 -1.33 2.64 -53.36
CA VAL A 383 -2.03 1.54 -52.70
C VAL A 383 -1.33 0.21 -52.98
N ALA A 384 -0.95 -0.05 -54.23
CA ALA A 384 -0.30 -1.31 -54.61
C ALA A 384 1.01 -1.54 -53.87
N SER A 385 1.67 -0.48 -53.45
CA SER A 385 2.97 -0.60 -52.84
C SER A 385 2.89 -0.78 -51.32
N VAL A 386 1.79 -0.38 -50.68
CA VAL A 386 1.68 -0.56 -49.24
C VAL A 386 0.65 -1.61 -48.78
N SER A 387 -0.32 -1.94 -49.62
CA SER A 387 -1.39 -2.87 -49.23
C SER A 387 -0.85 -4.21 -48.73
N GLU A 388 0.03 -4.81 -49.52
CA GLU A 388 0.58 -6.14 -49.26
C GLU A 388 -0.55 -7.17 -49.18
N GLY A 389 -1.59 -7.00 -49.99
CA GLY A 389 -2.74 -7.89 -49.99
C GLY A 389 -3.62 -7.82 -48.75
N ARG A 390 -3.53 -6.71 -48.01
CA ARG A 390 -4.39 -6.51 -46.85
C ARG A 390 -5.17 -5.20 -47.00
N VAL A 391 -6.17 -5.03 -46.16
CA VAL A 391 -6.86 -3.76 -46.04
C VAL A 391 -5.83 -2.73 -45.56
N TRP A 392 -5.88 -1.55 -46.15
CA TRP A 392 -5.00 -0.44 -45.83
C TRP A 392 -5.86 0.80 -45.77
N ALA A 393 -5.74 1.60 -44.71
CA ALA A 393 -6.61 2.76 -44.50
C ALA A 393 -5.86 3.90 -43.84
N THR A 394 -6.24 5.13 -44.18
CA THR A 394 -5.74 6.31 -43.48
C THR A 394 -6.83 7.38 -43.41
N HIS A 395 -6.82 8.19 -42.35
CA HIS A 395 -7.68 9.38 -42.28
C HIS A 395 -6.94 10.68 -42.61
N ALA A 396 -5.70 10.57 -43.09
CA ALA A 396 -4.86 11.73 -43.35
C ALA A 396 -4.10 11.48 -44.64
N LEU A 397 -4.81 11.53 -45.75
CA LEU A 397 -4.23 11.05 -47.02
C LEU A 397 -3.00 11.85 -47.49
N SER A 398 -2.95 13.15 -47.18
CA SER A 398 -1.82 13.97 -47.63
C SER A 398 -0.50 13.61 -46.94
N GLN A 399 -0.56 12.94 -45.79
CA GLN A 399 0.64 12.39 -45.12
C GLN A 399 1.23 11.21 -45.89
N ALA A 400 0.40 10.48 -46.63
CA ALA A 400 0.85 9.36 -47.44
C ALA A 400 1.28 9.83 -48.83
N ILE A 401 0.46 10.71 -49.41
CA ILE A 401 0.70 11.24 -50.76
C ILE A 401 0.61 12.77 -50.73
N PRO A 402 1.76 13.47 -50.75
CA PRO A 402 1.73 14.93 -50.62
C PRO A 402 0.77 15.61 -51.60
N GLU A 403 0.66 15.09 -52.81
CA GLU A 403 -0.15 15.72 -53.85
C GLU A 403 -1.66 15.61 -53.58
N ALA A 404 -2.04 14.81 -52.60
CA ALA A 404 -3.45 14.62 -52.25
C ALA A 404 -3.97 15.81 -51.46
N GLU A 405 -3.06 16.67 -51.01
CA GLU A 405 -3.46 17.85 -50.27
C GLU A 405 -4.45 18.69 -51.10
N ILE A 406 -4.22 18.75 -52.40
CA ILE A 406 -5.03 19.61 -53.27
CA ILE A 406 -5.02 19.58 -53.32
C ILE A 406 -6.50 19.16 -53.33
N TYR A 407 -6.75 17.84 -53.32
CA TYR A 407 -8.11 17.35 -53.34
C TYR A 407 -8.65 16.92 -51.98
N ALA A 408 -8.03 17.40 -50.90
CA ALA A 408 -8.47 17.06 -49.55
C ALA A 408 -9.93 17.41 -49.25
N ASP A 409 -10.41 18.51 -49.82
CA ASP A 409 -11.77 18.94 -49.59
C ASP A 409 -12.79 17.88 -50.02
N THR A 410 -12.45 17.13 -51.06
CA THR A 410 -13.30 16.07 -51.59
C THR A 410 -12.98 14.69 -51.01
N ALA A 411 -11.71 14.39 -50.79
CA ALA A 411 -11.27 13.08 -50.30
C ALA A 411 -10.02 13.23 -49.44
N ALA A 412 -10.19 13.24 -48.13
CA ALA A 412 -9.04 13.37 -47.19
C ALA A 412 -8.71 12.07 -46.49
N GLY A 413 -9.64 11.12 -46.54
CA GLY A 413 -9.40 9.78 -45.98
C GLY A 413 -9.64 8.71 -47.02
N MET A 414 -8.92 7.61 -46.93
CA MET A 414 -9.13 6.49 -47.83
C MET A 414 -8.95 5.15 -47.14
N LEU A 415 -9.81 4.20 -47.49
CA LEU A 415 -9.69 2.80 -47.10
C LEU A 415 -9.72 1.95 -48.38
N ALA A 416 -8.74 1.07 -48.51
CA ALA A 416 -8.53 0.29 -49.73
C ALA A 416 -8.68 -1.18 -49.41
N ILE A 417 -9.51 -1.87 -50.20
CA ILE A 417 -9.76 -3.30 -50.05
C ILE A 417 -9.26 -4.02 -51.28
N PRO A 418 -8.27 -4.92 -51.13
CA PRO A 418 -7.89 -5.79 -52.24
C PRO A 418 -9.06 -6.66 -52.67
N ILE A 419 -9.27 -6.81 -53.97
CA ILE A 419 -10.36 -7.65 -54.46
C ILE A 419 -9.88 -8.78 -55.35
N SER A 420 -8.56 -8.94 -55.46
CA SER A 420 -7.99 -10.05 -56.18
C SER A 420 -6.76 -10.56 -55.44
N GLN A 421 -6.67 -11.89 -55.29
CA GLN A 421 -5.46 -12.54 -54.75
C GLN A 421 -4.26 -12.36 -55.68
N VAL A 422 -4.51 -12.17 -56.97
CA VAL A 422 -3.47 -12.23 -58.00
C VAL A 422 -3.15 -10.87 -58.61
N LYS A 423 -4.16 -10.07 -58.92
CA LYS A 423 -3.97 -8.74 -59.52
C LYS A 423 -4.08 -7.63 -58.49
N SER A 424 -3.51 -6.47 -58.80
CA SER A 424 -3.63 -5.32 -57.91
C SER A 424 -4.89 -4.48 -58.29
N ASP A 425 -6.04 -5.11 -58.07
CA ASP A 425 -7.33 -4.49 -58.19
C ASP A 425 -7.84 -4.18 -56.78
N TYR A 426 -8.52 -3.06 -56.64
CA TYR A 426 -8.98 -2.60 -55.33
C TYR A 426 -10.34 -1.94 -55.41
N LEU A 427 -11.03 -1.96 -54.29
CA LEU A 427 -12.21 -1.16 -54.06
C LEU A 427 -11.73 -0.09 -53.09
N LEU A 428 -12.02 1.17 -53.39
CA LEU A 428 -11.48 2.28 -52.61
C LEU A 428 -12.62 3.10 -52.03
N PHE A 429 -12.61 3.31 -50.72
CA PHE A 429 -13.62 4.09 -50.03
C PHE A 429 -12.97 5.41 -49.65
N PHE A 430 -13.73 6.51 -49.70
CA PHE A 430 -13.19 7.81 -49.38
C PHE A 430 -14.06 8.58 -48.42
N ARG A 431 -13.43 9.46 -47.65
CA ARG A 431 -14.15 10.40 -46.81
C ARG A 431 -13.62 11.81 -47.00
N LYS A 432 -14.52 12.79 -46.96
CA LYS A 432 -14.17 14.21 -47.08
C LYS A 432 -13.43 14.70 -45.85
N GLU A 433 -12.72 15.82 -45.95
CA GLU A 433 -12.07 16.36 -44.76
C GLU A 433 -13.15 16.76 -43.75
N ILE A 434 -12.87 16.57 -42.47
CA ILE A 434 -13.90 16.63 -41.43
C ILE A 434 -14.57 18.01 -41.28
N VAL A 435 -13.83 19.08 -41.56
CA VAL A 435 -14.39 20.43 -41.45
C VAL A 435 -15.63 20.65 -42.33
N GLN A 436 -15.84 19.81 -43.34
CA GLN A 436 -17.00 19.94 -44.23
C GLN A 436 -18.26 19.16 -43.84
N ASN A 437 -18.17 18.30 -42.82
CA ASN A 437 -19.35 17.57 -42.32
C ASN A 437 -19.78 18.06 -40.93
N LEU A 438 -19.53 19.33 -40.62
CA LEU A 438 -19.79 19.89 -39.28
C LEU A 438 -21.22 20.40 -39.16
N GLU A 449 -15.69 37.20 -22.11
CA GLU A 449 -14.76 37.77 -21.13
C GLU A 449 -13.49 36.93 -21.06
N THR A 450 -12.38 37.55 -20.66
CA THR A 450 -11.17 36.78 -20.33
C THR A 450 -10.55 37.25 -19.03
N GLY A 451 -9.88 36.32 -18.34
CA GLY A 451 -9.13 36.61 -17.13
C GLY A 451 -7.65 36.69 -17.44
N PRO A 452 -6.81 36.79 -16.40
CA PRO A 452 -5.37 37.05 -16.55
C PRO A 452 -4.59 36.05 -17.43
N MET A 453 -5.04 34.80 -17.50
CA MET A 453 -4.31 33.80 -18.28
C MET A 453 -4.56 33.93 -19.79
N GLY A 454 -5.51 34.78 -20.18
CA GLY A 454 -5.76 35.12 -21.59
C GLY A 454 -6.88 34.36 -22.29
N ASP A 455 -7.03 34.67 -23.58
CA ASP A 455 -8.15 34.18 -24.40
C ASP A 455 -8.06 32.71 -24.85
N ARG A 456 -6.99 32.02 -24.49
CA ARG A 456 -6.88 30.59 -24.76
C ARG A 456 -8.03 29.84 -24.08
N LEU A 457 -8.46 30.36 -22.94
CA LEU A 457 -9.41 29.69 -22.09
C LEU A 457 -10.86 30.03 -22.40
N THR A 458 -11.24 29.83 -23.67
CA THR A 458 -12.64 30.01 -24.10
C THR A 458 -12.97 28.90 -25.07
N PRO A 459 -14.25 28.50 -25.14
CA PRO A 459 -14.71 27.50 -26.10
C PRO A 459 -14.46 27.89 -27.56
N ARG A 460 -14.55 29.18 -27.86
CA ARG A 460 -14.26 29.68 -29.20
C ARG A 460 -12.83 29.37 -29.62
N LYS A 461 -11.88 29.64 -28.73
CA LYS A 461 -10.50 29.39 -29.07
C LYS A 461 -10.22 27.90 -29.12
N SER A 462 -10.77 27.14 -28.16
CA SER A 462 -10.59 25.68 -28.18
C SER A 462 -11.07 25.09 -29.50
N PHE A 463 -12.29 25.47 -29.90
CA PHE A 463 -12.87 24.98 -31.13
C PHE A 463 -11.99 25.37 -32.32
N ALA A 464 -11.53 26.62 -32.38
CA ALA A 464 -10.64 27.02 -33.48
C ALA A 464 -9.33 26.21 -33.48
N ILE A 465 -8.78 25.92 -32.31
CA ILE A 465 -7.56 25.12 -32.21
C ILE A 465 -7.82 23.71 -32.74
N TRP A 466 -8.94 23.10 -32.34
CA TRP A 466 -9.29 21.80 -32.84
C TRP A 466 -9.42 21.79 -34.37
N LYS A 467 -10.22 22.71 -34.91
CA LYS A 467 -10.41 22.80 -36.37
C LYS A 467 -9.09 22.84 -37.12
N GLU A 468 -8.19 23.67 -36.63
CA GLU A 468 -6.87 23.79 -37.22
C GLU A 468 -6.12 22.47 -37.16
N SER A 469 -6.27 21.71 -36.06
CA SER A 469 -5.57 20.45 -35.88
C SER A 469 -6.00 19.32 -36.82
N VAL A 470 -7.24 19.39 -37.32
CA VAL A 470 -7.79 18.33 -38.18
C VAL A 470 -7.89 18.74 -39.65
N ARG A 471 -7.22 19.81 -40.03
CA ARG A 471 -7.14 20.18 -41.43
C ARG A 471 -6.52 19.07 -42.27
N LEU A 472 -7.07 18.87 -43.47
CA LEU A 472 -6.60 17.83 -44.38
C LEU A 472 -6.87 16.39 -43.89
N GLN A 473 -7.70 16.27 -42.85
CA GLN A 473 -8.00 15.00 -42.22
C GLN A 473 -9.50 14.72 -42.31
N ALA A 474 -9.84 13.43 -42.32
CA ALA A 474 -11.22 12.95 -42.35
C ALA A 474 -11.53 12.21 -41.05
N GLN A 475 -12.80 11.90 -40.82
CA GLN A 475 -13.23 11.12 -39.66
C GLN A 475 -12.53 9.74 -39.74
N PRO A 476 -11.87 9.32 -38.66
CA PRO A 476 -11.14 8.04 -38.69
C PRO A 476 -12.01 6.82 -38.97
N TRP A 477 -11.42 5.86 -39.65
CA TRP A 477 -12.10 4.61 -39.95
C TRP A 477 -12.14 3.86 -38.64
N SER A 478 -13.34 3.53 -38.18
CA SER A 478 -13.51 2.82 -36.91
C SER A 478 -13.07 1.35 -37.01
N GLU A 479 -12.97 0.68 -35.86
CA GLU A 479 -12.69 -0.76 -35.80
C GLU A 479 -13.76 -1.58 -36.55
N ALA A 480 -15.03 -1.21 -36.36
CA ALA A 480 -16.14 -1.80 -37.09
C ALA A 480 -15.98 -1.69 -38.60
N ASP A 481 -15.66 -0.48 -39.08
CA ASP A 481 -15.33 -0.24 -40.48
C ASP A 481 -14.24 -1.23 -40.95
N ARG A 482 -13.17 -1.35 -40.18
CA ARG A 482 -12.05 -2.23 -40.56
C ARG A 482 -12.41 -3.72 -40.49
N GLU A 483 -13.21 -4.13 -39.52
CA GLU A 483 -13.72 -5.51 -39.48
C GLU A 483 -14.60 -5.81 -40.70
N ILE A 484 -15.47 -4.88 -41.07
CA ILE A 484 -16.31 -5.07 -42.25
C ILE A 484 -15.46 -5.18 -43.52
N ALA A 485 -14.46 -4.31 -43.64
CA ALA A 485 -13.57 -4.30 -44.79
C ALA A 485 -12.86 -5.63 -44.99
N GLU A 486 -12.40 -6.20 -43.88
CA GLU A 486 -11.66 -7.44 -43.94
C GLU A 486 -12.62 -8.58 -44.36
N THR A 487 -13.85 -8.54 -43.88
CA THR A 487 -14.81 -9.57 -44.25
C THR A 487 -15.10 -9.42 -45.73
N ALA A 488 -15.22 -8.18 -46.18
CA ALA A 488 -15.45 -7.89 -47.58
C ALA A 488 -14.29 -8.33 -48.46
N ARG A 489 -13.06 -8.13 -47.98
CA ARG A 489 -11.88 -8.56 -48.71
C ARG A 489 -11.96 -10.03 -49.01
N ILE A 490 -12.25 -10.81 -47.98
CA ILE A 490 -12.32 -12.26 -48.14
C ILE A 490 -13.43 -12.66 -49.11
N ALA A 491 -14.61 -12.07 -48.95
CA ALA A 491 -15.72 -12.32 -49.89
C ALA A 491 -15.31 -12.05 -51.34
N LEU A 492 -14.70 -10.90 -51.58
CA LEU A 492 -14.38 -10.48 -52.93
C LEU A 492 -13.17 -11.19 -53.50
N VAL A 493 -12.14 -11.39 -52.69
CA VAL A 493 -11.01 -12.18 -53.15
C VAL A 493 -11.45 -13.62 -53.44
N GLY A 494 -12.35 -14.15 -52.64
CA GLY A 494 -12.83 -15.53 -52.84
C GLY A 494 -13.64 -15.69 -54.12
N VAL A 495 -14.55 -14.78 -54.37
CA VAL A 495 -15.40 -14.90 -55.55
C VAL A 495 -14.58 -14.61 -56.82
N ALA A 496 -13.60 -13.71 -56.73
CA ALA A 496 -12.66 -13.51 -57.85
C ALA A 496 -11.90 -14.79 -58.21
N PHE A 497 -11.39 -15.48 -57.21
CA PHE A 497 -10.68 -16.73 -57.47
C PHE A 497 -11.61 -17.79 -58.12
N HIS A 498 -12.84 -17.88 -57.62
CA HIS A 498 -13.85 -18.79 -58.15
C HIS A 498 -14.18 -18.48 -59.64
N HIS A 499 -14.17 -17.20 -59.99
CA HIS A 499 -14.42 -16.77 -61.38
C HIS A 499 -13.16 -16.66 -62.25
N SER A 500 -12.00 -17.01 -61.71
CA SER A 500 -10.72 -16.63 -62.34
C SER A 500 -10.51 -17.23 -63.74
N GLU A 501 -10.95 -18.48 -63.97
CA GLU A 501 -10.81 -19.09 -65.31
C GLU A 501 -11.89 -18.65 -66.32
N LEU A 502 -13.08 -18.29 -65.85
CA LEU A 502 -14.04 -17.58 -66.73
C LEU A 502 -13.49 -16.24 -67.21
N MET A 503 -12.81 -15.52 -66.32
CA MET A 503 -12.29 -14.18 -66.61
C MET A 503 -11.01 -14.21 -67.48
N ALA A 504 -10.17 -15.22 -67.31
CA ALA A 504 -9.03 -15.42 -68.20
C ALA A 504 -9.53 -15.86 -69.59
N GLY A 505 -10.57 -16.69 -69.61
CA GLY A 505 -11.28 -17.02 -70.86
C GLY A 505 -11.68 -15.76 -71.61
N LEU A 506 -12.26 -14.81 -70.88
CA LEU A 506 -12.43 -13.45 -71.39
C LEU A 506 -11.05 -12.82 -71.59
N ASP B 5 -2.53 -2.25 -1.85
CA ASP B 5 -1.23 -1.52 -1.72
C ASP B 5 -1.12 -0.84 -0.36
N TYR B 6 -0.13 -1.25 0.42
CA TYR B 6 0.21 -0.55 1.67
C TYR B 6 1.25 0.54 1.39
N HIS B 7 1.01 1.74 1.90
CA HIS B 7 1.99 2.82 1.85
C HIS B 7 2.46 3.11 3.27
N VAL B 8 3.52 2.43 3.67
CA VAL B 8 4.01 2.54 5.04
C VAL B 8 4.72 3.88 5.29
N ASP B 9 4.46 4.45 6.46
CA ASP B 9 5.28 5.53 6.99
C ASP B 9 5.27 5.46 8.52
N LEU B 10 5.80 6.47 9.20
CA LEU B 10 5.93 6.44 10.66
C LEU B 10 4.60 6.47 11.40
N THR B 11 3.51 6.78 10.72
CA THR B 11 2.19 6.82 11.36
C THR B 11 1.49 5.45 11.38
N ASN B 12 1.91 4.51 10.56
CA ASN B 12 1.24 3.20 10.47
C ASN B 12 2.18 1.98 10.41
N CYS B 13 3.48 2.17 10.63
CA CYS B 13 4.44 1.07 10.47
C CYS B 13 4.29 0.01 11.55
N ASP B 14 3.67 0.36 12.68
CA ASP B 14 3.31 -0.64 13.69
C ASP B 14 2.42 -1.80 13.13
N ARG B 15 1.76 -1.59 11.99
CA ARG B 15 0.86 -2.58 11.41
C ARG B 15 1.25 -3.00 10.00
N GLU B 16 2.48 -2.74 9.58
CA GLU B 16 2.90 -3.03 8.21
C GLU B 16 2.85 -4.55 7.99
N PRO B 17 2.17 -5.01 6.92
CA PRO B 17 2.05 -6.44 6.65
C PRO B 17 3.31 -6.96 5.96
N ILE B 18 4.35 -7.20 6.76
CA ILE B 18 5.69 -7.44 6.24
C ILE B 18 5.86 -8.84 5.66
N HIS B 19 4.89 -9.69 5.91
CA HIS B 19 4.86 -11.06 5.38
C HIS B 19 4.37 -11.14 3.92
N ILE B 20 3.78 -10.06 3.40
CA ILE B 20 3.27 -10.02 2.02
C ILE B 20 3.76 -8.81 1.23
N PRO B 21 5.10 -8.61 1.16
CA PRO B 21 5.63 -7.43 0.45
C PRO B 21 5.39 -7.44 -1.05
N GLY B 22 5.23 -8.62 -1.65
CA GLY B 22 5.13 -8.73 -3.10
C GLY B 22 6.47 -8.62 -3.80
N TYR B 23 7.57 -8.76 -3.06
CA TYR B 23 8.90 -8.64 -3.64
C TYR B 23 9.86 -9.59 -2.96
N ILE B 24 10.90 -9.99 -3.69
CA ILE B 24 11.99 -10.75 -3.11
C ILE B 24 13.32 -9.99 -3.28
N GLN B 25 14.32 -10.46 -2.57
CA GLN B 25 15.67 -9.92 -2.66
C GLN B 25 16.34 -10.52 -3.90
N PRO B 26 17.24 -9.76 -4.54
CA PRO B 26 17.76 -10.17 -5.84
C PRO B 26 18.79 -11.32 -5.86
N HIS B 27 19.23 -11.83 -4.72
CA HIS B 27 20.26 -12.89 -4.74
C HIS B 27 19.71 -14.30 -5.02
N GLY B 28 18.41 -14.41 -5.25
CA GLY B 28 17.82 -15.67 -5.70
C GLY B 28 16.52 -15.42 -6.44
N CYS B 29 15.89 -16.48 -6.93
CA CYS B 29 14.59 -16.37 -7.55
C CYS B 29 13.63 -17.33 -6.90
N LEU B 30 12.35 -17.13 -7.19
CA LEU B 30 11.26 -17.82 -6.51
C LEU B 30 10.15 -18.26 -7.47
N ILE B 31 9.65 -19.47 -7.24
CA ILE B 31 8.51 -20.01 -7.95
C ILE B 31 7.53 -20.52 -6.93
N ALA B 32 6.27 -20.10 -7.09
CA ALA B 32 5.19 -20.58 -6.25
C ALA B 32 4.27 -21.47 -7.08
N CYS B 33 4.03 -22.66 -6.56
CA CYS B 33 3.24 -23.70 -7.18
C CYS B 33 2.07 -24.02 -6.30
N ASP B 34 1.09 -24.78 -6.82
CA ASP B 34 -0.01 -25.25 -6.02
C ASP B 34 0.44 -26.35 -5.06
N ASN B 35 -0.50 -26.83 -4.25
CA ASN B 35 -0.19 -27.73 -3.13
C ASN B 35 0.41 -29.07 -3.57
N ALA B 36 0.10 -29.51 -4.77
CA ALA B 36 0.59 -30.78 -5.32
C ALA B 36 1.82 -30.58 -6.21
N MET B 37 2.31 -29.35 -6.28
CA MET B 37 3.39 -28.96 -7.17
C MET B 37 3.10 -29.32 -8.64
N ARG B 38 1.85 -29.11 -9.04
CA ARG B 38 1.44 -29.37 -10.40
C ARG B 38 1.58 -28.07 -11.18
N MET B 39 0.69 -27.10 -10.94
CA MET B 39 0.70 -25.82 -11.65
C MET B 39 1.59 -24.76 -10.99
N VAL B 40 2.35 -24.05 -11.80
CA VAL B 40 3.03 -22.84 -11.36
C VAL B 40 2.02 -21.70 -11.26
N LEU B 41 1.96 -21.07 -10.10
CA LEU B 41 1.01 -19.99 -9.84
C LEU B 41 1.68 -18.63 -9.89
N ARG B 42 2.88 -18.52 -9.34
CA ARG B 42 3.61 -17.26 -9.37
C ARG B 42 5.07 -17.51 -9.62
N HIS B 43 5.79 -16.46 -10.02
CA HIS B 43 7.22 -16.54 -10.17
C HIS B 43 7.79 -15.14 -10.01
N SER B 44 9.02 -15.03 -9.54
CA SER B 44 9.68 -13.73 -9.48
C SER B 44 10.17 -13.39 -10.87
N GLU B 45 10.29 -12.09 -11.14
CA GLU B 45 10.61 -11.58 -12.47
C GLU B 45 12.00 -11.99 -12.95
N ASN B 46 12.90 -12.33 -12.02
CA ASN B 46 14.26 -12.73 -12.39
C ASN B 46 14.42 -14.23 -12.63
N CYS B 47 13.32 -14.99 -12.63
CA CYS B 47 13.43 -16.43 -12.87
C CYS B 47 14.08 -16.70 -14.21
N GLY B 48 13.72 -15.87 -15.17
CA GLY B 48 14.12 -16.04 -16.55
C GLY B 48 15.61 -15.97 -16.73
N GLU B 49 16.21 -14.98 -16.07
CA GLU B 49 17.65 -14.76 -16.11
C GLU B 49 18.44 -15.83 -15.33
N LEU B 50 18.02 -16.10 -14.09
CA LEU B 50 18.77 -17.02 -13.22
C LEU B 50 18.72 -18.46 -13.69
N LEU B 51 17.51 -18.94 -13.98
CA LEU B 51 17.28 -20.33 -14.37
C LEU B 51 17.38 -20.53 -15.88
N GLY B 52 17.27 -19.46 -16.64
CA GLY B 52 17.35 -19.54 -18.10
C GLY B 52 16.03 -19.94 -18.70
N LEU B 53 14.95 -19.37 -18.21
CA LEU B 53 13.60 -19.69 -18.68
C LEU B 53 13.03 -18.51 -19.47
N GLU B 54 12.11 -18.78 -20.39
CA GLU B 54 11.51 -17.71 -21.21
C GLU B 54 10.04 -17.50 -20.90
N GLY B 55 9.60 -16.24 -20.95
CA GLY B 55 8.19 -15.89 -20.92
C GLY B 55 7.50 -16.06 -19.57
N ASP B 56 6.17 -16.00 -19.61
CA ASP B 56 5.35 -16.18 -18.43
C ASP B 56 5.36 -17.67 -18.02
N LEU B 57 5.78 -17.93 -16.79
CA LEU B 57 5.84 -19.28 -16.26
C LEU B 57 4.49 -19.75 -15.71
N ASN B 58 3.62 -18.79 -15.37
CA ASN B 58 2.36 -19.12 -14.68
C ASN B 58 1.39 -19.85 -15.61
N GLY B 59 0.77 -20.91 -15.10
CA GLY B 59 -0.09 -21.75 -15.92
C GLY B 59 0.64 -22.88 -16.63
N ARG B 60 1.96 -22.90 -16.61
CA ARG B 60 2.69 -24.09 -17.04
C ARG B 60 2.88 -24.99 -15.81
N THR B 61 3.09 -26.29 -16.00
CA THR B 61 3.32 -27.17 -14.86
C THR B 61 4.74 -27.02 -14.32
N ALA B 62 4.92 -27.36 -13.05
CA ALA B 62 6.26 -27.47 -12.46
C ALA B 62 7.19 -28.35 -13.31
N GLU B 63 6.69 -29.50 -13.78
CA GLU B 63 7.50 -30.42 -14.58
C GLU B 63 7.85 -29.87 -15.96
N ASP B 64 6.92 -29.14 -16.57
CA ASP B 64 7.19 -28.48 -17.83
C ASP B 64 8.29 -27.43 -17.65
N VAL B 65 8.23 -26.66 -16.57
CA VAL B 65 9.21 -25.59 -16.33
C VAL B 65 10.56 -26.11 -15.85
N LEU B 66 10.53 -27.06 -14.93
CA LEU B 66 11.73 -27.51 -14.21
C LEU B 66 12.23 -28.91 -14.57
N GLY B 67 11.37 -29.72 -15.22
CA GLY B 67 11.73 -31.08 -15.61
C GLY B 67 11.30 -32.10 -14.58
N LYS B 68 10.97 -33.30 -15.06
CA LYS B 68 10.47 -34.38 -14.21
C LYS B 68 11.43 -34.78 -13.07
N ARG B 69 12.71 -34.90 -13.38
CA ARG B 69 13.68 -35.40 -12.40
C ARG B 69 13.75 -34.48 -11.17
N LEU B 70 13.90 -33.17 -11.38
CA LEU B 70 13.95 -32.24 -10.26
C LEU B 70 12.64 -32.23 -9.47
N VAL B 71 11.50 -32.22 -10.15
CA VAL B 71 10.22 -32.13 -9.45
C VAL B 71 9.95 -33.37 -8.61
N HIS B 72 10.30 -34.53 -9.15
CA HIS B 72 10.23 -35.78 -8.40
C HIS B 72 10.94 -35.63 -7.05
N ASP B 73 12.21 -35.21 -7.09
CA ASP B 73 13.00 -34.98 -5.86
C ASP B 73 12.42 -33.92 -4.92
N LEU B 74 11.85 -32.85 -5.49
CA LEU B 74 11.27 -31.79 -4.67
C LEU B 74 10.03 -32.31 -3.93
N ARG B 75 9.18 -33.09 -4.61
CA ARG B 75 8.00 -33.71 -3.98
C ARG B 75 8.37 -34.65 -2.84
N ASN B 76 9.37 -35.49 -3.07
CA ASN B 76 9.85 -36.39 -2.03
C ASN B 76 10.39 -35.66 -0.80
N ALA B 77 10.97 -34.48 -1.00
CA ALA B 77 11.48 -33.67 0.12
C ALA B 77 10.38 -33.07 1.00
N LEU B 78 9.17 -32.97 0.47
CA LEU B 78 8.00 -32.56 1.27
C LEU B 78 7.28 -33.73 1.96
N THR B 79 7.99 -34.82 2.27
CA THR B 79 7.41 -35.98 2.96
C THR B 79 8.33 -36.44 4.09
N THR B 85 4.79 -24.67 7.63
CA THR B 85 5.64 -25.79 7.98
C THR B 85 7.11 -25.44 7.74
N ARG B 86 8.02 -26.28 8.23
CA ARG B 86 9.46 -25.96 8.29
C ARG B 86 10.19 -26.21 6.96
N PRO B 87 10.80 -25.17 6.36
CA PRO B 87 11.41 -25.30 5.02
C PRO B 87 12.49 -26.37 4.92
N ALA B 88 12.40 -27.20 3.88
CA ALA B 88 13.47 -28.13 3.51
C ALA B 88 14.59 -27.43 2.72
N MET B 89 15.83 -27.68 3.12
CA MET B 89 17.02 -27.09 2.51
C MET B 89 17.73 -28.15 1.66
N LEU B 90 17.85 -27.90 0.36
CA LEU B 90 18.46 -28.87 -0.54
C LEU B 90 19.63 -28.22 -1.25
N PRO B 91 20.83 -28.26 -0.63
CA PRO B 91 21.97 -27.64 -1.30
C PRO B 91 22.37 -28.39 -2.57
N ALA B 92 22.91 -27.67 -3.55
CA ALA B 92 23.54 -28.29 -4.73
C ALA B 92 22.62 -29.28 -5.46
N MET B 93 21.38 -28.85 -5.71
CA MET B 93 20.48 -29.57 -6.61
C MET B 93 20.86 -29.25 -8.04
N GLU B 94 20.49 -30.13 -8.96
CA GLU B 94 20.83 -29.96 -10.36
C GLU B 94 19.56 -29.67 -11.17
N THR B 95 19.66 -28.68 -12.06
CA THR B 95 18.54 -28.32 -12.93
C THR B 95 18.57 -29.21 -14.18
N SER B 96 17.57 -29.05 -15.04
CA SER B 96 17.48 -29.84 -16.26
C SER B 96 18.70 -29.65 -17.15
N ASP B 97 19.24 -28.43 -17.19
CA ASP B 97 20.38 -28.10 -18.05
C ASP B 97 21.76 -28.30 -17.40
N GLY B 98 21.82 -29.05 -16.29
CA GLY B 98 23.10 -29.41 -15.67
C GLY B 98 23.65 -28.48 -14.60
N ARG B 99 23.04 -27.31 -14.44
CA ARG B 99 23.56 -26.30 -13.51
C ARG B 99 23.13 -26.53 -12.06
N SER B 100 23.93 -26.04 -11.12
CA SER B 100 23.71 -26.32 -9.70
C SER B 100 23.07 -25.15 -8.97
N PHE B 101 22.00 -25.44 -8.24
CA PHE B 101 21.32 -24.45 -7.42
C PHE B 101 21.02 -24.98 -6.03
N ASP B 102 21.23 -24.13 -5.03
CA ASP B 102 20.76 -24.39 -3.68
C ASP B 102 19.28 -24.04 -3.63
N ILE B 103 18.46 -25.01 -3.25
CA ILE B 103 17.01 -24.89 -3.31
C ILE B 103 16.38 -24.99 -1.93
N SER B 104 15.58 -23.97 -1.59
CA SER B 104 14.77 -24.02 -0.38
CA SER B 104 14.77 -23.99 -0.38
C SER B 104 13.30 -24.19 -0.78
N LEU B 105 12.64 -25.16 -0.16
CA LEU B 105 11.30 -25.58 -0.53
C LEU B 105 10.41 -25.69 0.71
N HIS B 106 9.23 -25.08 0.67
CA HIS B 106 8.23 -25.28 1.73
C HIS B 106 6.80 -25.20 1.25
N ARG B 107 5.88 -25.63 2.12
CA ARG B 107 4.44 -25.57 1.84
C ARG B 107 3.74 -24.80 2.96
N TYR B 108 2.90 -23.84 2.59
CA TYR B 108 2.17 -23.01 3.55
C TYR B 108 0.98 -22.34 2.86
N LYS B 109 -0.17 -22.30 3.54
CA LYS B 109 -1.36 -21.64 2.99
C LYS B 109 -1.68 -22.16 1.58
N SER B 110 -1.69 -23.48 1.43
CA SER B 110 -2.06 -24.14 0.17
C SER B 110 -1.18 -23.78 -1.04
N THR B 111 0.04 -23.36 -0.76
CA THR B 111 0.96 -22.86 -1.77
C THR B 111 2.31 -23.50 -1.52
N THR B 112 2.95 -24.02 -2.56
CA THR B 112 4.31 -24.56 -2.42
C THR B 112 5.31 -23.56 -3.01
N ILE B 113 6.25 -23.13 -2.18
CA ILE B 113 7.22 -22.10 -2.56
C ILE B 113 8.61 -22.72 -2.71
N ILE B 114 9.21 -22.56 -3.90
CA ILE B 114 10.53 -23.07 -4.21
C ILE B 114 11.47 -21.88 -4.43
N GLU B 115 12.60 -21.87 -3.74
CA GLU B 115 13.57 -20.78 -3.87
C GLU B 115 14.93 -21.31 -4.31
N PHE B 116 15.56 -20.56 -5.22
CA PHE B 116 16.75 -20.98 -5.95
C PHE B 116 17.84 -19.94 -5.75
N GLU B 117 19.05 -20.39 -5.38
CA GLU B 117 20.25 -19.56 -5.40
C GLU B 117 21.35 -20.35 -6.12
N PRO B 118 22.13 -19.67 -7.00
CA PRO B 118 23.25 -20.36 -7.64
C PRO B 118 24.19 -20.91 -6.59
N SER B 119 24.62 -22.15 -6.74
CA SER B 119 25.43 -22.80 -5.73
C SER B 119 26.85 -22.27 -5.81
N ASP B 120 27.48 -22.08 -4.65
CA ASP B 120 28.87 -21.64 -4.57
C ASP B 120 29.77 -22.83 -4.90
N SER B 121 30.80 -22.60 -5.73
CA SER B 121 31.79 -23.63 -6.06
C SER B 121 33.10 -23.38 -5.32
N PRO B 125 34.74 -26.02 3.92
CA PRO B 125 34.93 -26.36 5.32
C PRO B 125 33.99 -27.51 5.73
N LEU B 126 34.36 -28.23 6.78
CA LEU B 126 33.59 -29.39 7.25
C LEU B 126 33.45 -29.40 8.78
N GLY B 127 32.22 -29.62 9.25
CA GLY B 127 31.94 -29.65 10.69
C GLY B 127 31.86 -28.29 11.34
N THR B 128 31.53 -27.27 10.55
CA THR B 128 31.44 -25.89 11.04
C THR B 128 30.59 -25.76 12.30
N ALA B 129 29.32 -26.17 12.22
CA ALA B 129 28.41 -25.99 13.35
C ALA B 129 28.88 -26.76 14.60
N ARG B 130 29.33 -28.00 14.43
CA ARG B 130 29.78 -28.78 15.57
C ARG B 130 30.95 -28.07 16.25
N LYS B 131 31.91 -27.60 15.46
CA LYS B 131 33.08 -26.89 16.01
C LYS B 131 32.67 -25.61 16.74
N MET B 132 31.77 -24.83 16.15
CA MET B 132 31.25 -23.64 16.83
C MET B 132 30.56 -24.00 18.14
N VAL B 133 29.70 -25.01 18.12
CA VAL B 133 28.97 -25.41 19.31
C VAL B 133 29.93 -25.91 20.39
N ASP B 134 30.98 -26.62 20.00
CA ASP B 134 31.98 -27.07 20.96
C ASP B 134 32.63 -25.91 21.73
N ARG B 135 32.70 -24.73 21.12
CA ARG B 135 33.35 -23.59 21.75
C ARG B 135 32.43 -22.80 22.65
N ILE B 136 31.14 -23.15 22.65
CA ILE B 136 30.20 -22.60 23.61
C ILE B 136 29.61 -23.59 24.61
N ARG B 137 29.73 -24.90 24.38
CA ARG B 137 29.05 -25.84 25.29
CA ARG B 137 29.20 -25.96 25.29
C ARG B 137 29.53 -25.76 26.75
N GLU B 138 30.77 -25.35 27.00
CA GLU B 138 31.23 -25.30 28.38
C GLU B 138 30.97 -23.99 29.09
N ALA B 139 30.37 -23.01 28.43
CA ALA B 139 30.02 -21.75 29.10
C ALA B 139 29.26 -22.10 30.37
N ASP B 140 29.60 -21.45 31.49
CA ASP B 140 29.04 -21.84 32.80
C ASP B 140 28.23 -20.72 33.44
N SER B 141 27.95 -19.69 32.67
CA SER B 141 27.11 -18.59 33.12
C SER B 141 26.52 -17.95 31.88
N VAL B 142 25.40 -17.29 32.05
CA VAL B 142 24.78 -16.56 30.96
C VAL B 142 25.74 -15.54 30.34
N GLU B 143 26.44 -14.77 31.17
CA GLU B 143 27.40 -13.74 30.67
C GLU B 143 28.53 -14.39 29.89
N SER B 144 29.06 -15.48 30.42
CA SER B 144 30.12 -16.16 29.71
C SER B 144 29.67 -16.67 28.33
N LEU B 145 28.42 -17.12 28.22
CA LEU B 145 27.89 -17.59 26.94
C LEU B 145 27.66 -16.44 25.94
N ILE B 146 26.95 -15.41 26.37
CA ILE B 146 26.64 -14.31 25.46
C ILE B 146 27.90 -13.50 25.07
N SER B 147 28.86 -13.33 25.98
CA SER B 147 30.08 -12.59 25.65
CA SER B 147 30.09 -12.59 25.65
C SER B 147 30.89 -13.29 24.57
N ARG B 148 31.11 -14.58 24.72
CA ARG B 148 31.93 -15.30 23.76
C ARG B 148 31.25 -15.47 22.40
N THR B 149 29.92 -15.50 22.38
CA THR B 149 29.22 -15.85 21.17
C THR B 149 29.36 -14.76 20.09
N THR B 150 29.22 -13.50 20.46
CA THR B 150 29.39 -12.41 19.47
C THR B 150 30.77 -12.48 18.86
N ARG B 151 31.77 -12.68 19.73
CA ARG B 151 33.16 -12.84 19.28
CA ARG B 151 33.17 -12.87 19.31
C ARG B 151 33.31 -14.04 18.35
N LEU B 152 32.74 -15.18 18.72
CA LEU B 152 32.84 -16.38 17.90
C LEU B 152 32.10 -16.23 16.55
N VAL B 153 30.91 -15.68 16.58
CA VAL B 153 30.13 -15.53 15.35
C VAL B 153 30.84 -14.58 14.39
N LYS B 154 31.39 -13.48 14.93
CA LYS B 154 32.09 -12.54 14.11
C LYS B 154 33.28 -13.21 13.42
N ALA B 155 34.11 -13.90 14.19
CA ALA B 155 35.29 -14.55 13.63
C ALA B 155 34.92 -15.64 12.61
N THR B 156 33.81 -16.35 12.82
CA THR B 156 33.46 -17.46 11.95
C THR B 156 32.76 -17.01 10.68
N LEU B 157 31.82 -16.07 10.81
CA LEU B 157 31.02 -15.65 9.67
C LEU B 157 31.54 -14.40 8.99
N GLY B 158 32.41 -13.65 9.66
CA GLY B 158 33.09 -12.50 9.05
C GLY B 158 32.28 -11.20 8.90
N TYR B 159 31.21 -11.05 9.67
CA TYR B 159 30.46 -9.80 9.66
C TYR B 159 31.21 -8.69 10.41
N ASP B 160 30.99 -7.44 10.01
CA ASP B 160 31.68 -6.28 10.59
C ASP B 160 31.29 -6.04 12.04
N ARG B 161 30.05 -6.35 12.39
CA ARG B 161 29.57 -6.21 13.76
C ARG B 161 28.62 -7.38 14.06
N VAL B 162 28.71 -7.92 15.27
CA VAL B 162 27.75 -8.89 15.75
C VAL B 162 27.30 -8.49 17.15
N LEU B 163 25.99 -8.48 17.36
CA LEU B 163 25.40 -8.06 18.61
C LEU B 163 24.45 -9.11 19.13
N ILE B 164 24.20 -9.06 20.43
CA ILE B 164 23.07 -9.78 20.98
C ILE B 164 22.10 -8.80 21.63
N TYR B 165 20.86 -8.94 21.20
CA TYR B 165 19.76 -8.08 21.64
CA TYR B 165 19.77 -8.07 21.60
C TYR B 165 18.86 -8.90 22.52
N ARG B 166 18.73 -8.50 23.78
CA ARG B 166 17.83 -9.17 24.71
C ARG B 166 16.56 -8.36 24.94
N PHE B 167 15.42 -9.03 24.88
CA PHE B 167 14.15 -8.35 25.12
C PHE B 167 13.83 -8.24 26.61
N GLU B 168 13.49 -7.03 27.03
CA GLU B 168 12.97 -6.77 28.37
C GLU B 168 11.55 -7.30 28.40
N GLU B 169 10.93 -7.25 29.58
CA GLU B 169 9.59 -7.77 29.75
C GLU B 169 8.51 -7.01 28.93
N ASP B 170 8.73 -5.73 28.66
CA ASP B 170 7.83 -4.91 27.85
C ASP B 170 8.17 -4.90 26.35
N GLY B 171 9.08 -5.78 25.92
CA GLY B 171 9.47 -5.85 24.52
C GLY B 171 10.61 -4.91 24.12
N ALA B 172 10.96 -3.96 24.97
CA ALA B 172 12.14 -3.16 24.70
C ALA B 172 13.37 -4.06 24.61
N GLY B 173 14.34 -3.63 23.81
CA GLY B 173 15.50 -4.43 23.53
C GLY B 173 16.71 -3.81 24.21
N LYS B 174 17.61 -4.67 24.63
CA LYS B 174 18.88 -4.22 25.19
C LYS B 174 20.04 -4.92 24.50
N VAL B 175 21.07 -4.14 24.13
CA VAL B 175 22.28 -4.72 23.56
C VAL B 175 23.19 -5.21 24.70
N VAL B 176 23.30 -6.54 24.83
CA VAL B 176 24.01 -7.15 25.95
C VAL B 176 25.31 -7.82 25.56
N SER B 177 25.63 -7.88 24.27
CA SER B 177 26.95 -8.33 23.85
C SER B 177 27.23 -7.76 22.49
N GLU B 178 28.51 -7.57 22.21
CA GLU B 178 28.95 -6.92 20.99
C GLU B 178 30.37 -7.29 20.62
N ALA B 179 30.59 -7.62 19.35
CA ALA B 179 31.92 -7.70 18.78
C ALA B 179 31.84 -6.92 17.47
N LYS B 180 32.84 -6.07 17.24
CA LYS B 180 32.80 -5.18 16.11
C LYS B 180 34.17 -4.81 15.61
N GLN B 181 34.22 -4.34 14.37
CA GLN B 181 35.43 -3.65 13.87
C GLN B 181 35.78 -2.48 14.80
N PRO B 182 37.07 -2.27 15.07
CA PRO B 182 37.53 -1.20 15.97
C PRO B 182 37.01 0.21 15.64
N GLU B 183 36.99 0.55 14.35
CA GLU B 183 36.55 1.88 13.92
C GLU B 183 35.01 2.06 14.00
N LEU B 184 34.24 0.97 14.09
CA LEU B 184 32.77 1.12 14.22
C LEU B 184 32.38 1.53 15.63
N GLU B 185 31.20 2.14 15.76
CA GLU B 185 30.76 2.63 17.07
C GLU B 185 30.11 1.49 17.84
N SER B 186 30.14 1.59 19.16
CA SER B 186 29.62 0.56 20.04
C SER B 186 28.18 0.88 20.45
N PHE B 187 27.30 -0.10 20.37
CA PHE B 187 25.93 0.04 20.89
C PHE B 187 25.72 -0.66 22.23
N LEU B 188 26.81 -1.17 22.83
CA LEU B 188 26.71 -2.03 24.01
C LEU B 188 26.06 -1.30 25.19
N GLY B 189 25.11 -1.95 25.87
CA GLY B 189 24.39 -1.32 26.97
C GLY B 189 23.27 -0.34 26.57
N GLN B 190 23.07 -0.12 25.27
CA GLN B 190 21.96 0.74 24.84
C GLN B 190 20.66 -0.04 24.78
N TYR B 191 19.56 0.70 24.94
CA TYR B 191 18.21 0.16 24.81
C TYR B 191 17.49 0.78 23.63
N PHE B 192 16.54 0.02 23.09
CA PHE B 192 15.64 0.52 22.06
CA PHE B 192 15.66 0.53 22.07
C PHE B 192 14.21 0.14 22.38
N PRO B 193 13.26 1.02 22.02
CA PRO B 193 11.85 0.76 22.38
C PRO B 193 11.26 -0.46 21.71
N ALA B 194 10.26 -1.04 22.39
CA ALA B 194 9.52 -2.19 21.87
C ALA B 194 9.07 -2.02 20.41
N SER B 195 8.63 -0.82 20.04
CA SER B 195 8.08 -0.58 18.71
C SER B 195 9.13 -0.63 17.56
N ASP B 196 10.42 -0.50 17.88
CA ASP B 196 11.44 -0.65 16.84
C ASP B 196 11.46 -2.04 16.19
N ILE B 197 10.90 -3.03 16.88
CA ILE B 197 10.67 -4.36 16.31
C ILE B 197 9.18 -4.71 16.49
N PRO B 198 8.38 -4.44 15.46
CA PRO B 198 6.93 -4.56 15.61
C PRO B 198 6.46 -6.00 15.82
N GLN B 199 5.24 -6.13 16.33
CA GLN B 199 4.68 -7.44 16.72
C GLN B 199 4.72 -8.45 15.60
N GLN B 200 4.40 -8.02 14.39
CA GLN B 200 4.41 -8.89 13.24
C GLN B 200 5.81 -9.42 12.90
N ALA B 201 6.83 -8.60 13.15
CA ALA B 201 8.23 -9.05 13.02
C ALA B 201 8.54 -10.12 14.07
N ARG B 202 8.18 -9.85 15.32
CA ARG B 202 8.35 -10.83 16.41
C ARG B 202 7.68 -12.16 16.10
N ALA B 203 6.49 -12.12 15.49
CA ALA B 203 5.79 -13.37 15.13
C ALA B 203 6.57 -14.15 14.06
N LEU B 204 7.02 -13.45 13.01
CA LEU B 204 7.89 -14.08 12.00
C LEU B 204 9.15 -14.74 12.57
N TYR B 205 9.79 -14.08 13.55
CA TYR B 205 11.04 -14.58 14.15
C TYR B 205 10.83 -15.86 14.97
N LEU B 206 9.60 -16.05 15.40
CA LEU B 206 9.19 -17.23 16.11
C LEU B 206 8.98 -18.40 15.13
N LYS B 207 8.81 -18.10 13.84
CA LYS B 207 8.56 -19.11 12.82
C LYS B 207 9.84 -19.55 12.16
N ASN B 208 10.53 -18.67 11.44
CA ASN B 208 11.84 -19.00 10.86
CA ASN B 208 11.84 -19.05 10.91
C ASN B 208 12.97 -18.47 11.75
N THR B 209 13.98 -19.29 11.91
CA THR B 209 15.05 -19.06 12.87
CA THR B 209 15.07 -19.07 12.86
C THR B 209 16.12 -18.10 12.34
N LEU B 210 16.37 -18.16 11.03
CA LEU B 210 17.41 -17.40 10.38
CA LEU B 210 17.41 -17.36 10.41
C LEU B 210 16.80 -16.44 9.38
N ARG B 211 17.28 -15.21 9.36
CA ARG B 211 16.87 -14.21 8.38
C ARG B 211 18.07 -13.48 7.80
N ILE B 212 17.98 -13.12 6.53
CA ILE B 212 19.09 -12.50 5.81
C ILE B 212 18.59 -11.35 4.92
N ILE B 213 19.21 -10.18 5.07
CA ILE B 213 19.12 -9.10 4.10
C ILE B 213 20.49 -9.01 3.45
N SER B 214 20.58 -9.26 2.15
CA SER B 214 21.88 -9.33 1.48
C SER B 214 22.37 -7.99 0.95
N ASP B 215 21.45 -7.06 0.76
CA ASP B 215 21.79 -5.72 0.26
C ASP B 215 20.66 -4.73 0.50
N ALA B 216 20.81 -3.88 1.50
CA ALA B 216 19.78 -2.90 1.86
C ALA B 216 19.57 -1.79 0.84
N SER B 217 20.49 -1.63 -0.10
CA SER B 217 20.34 -0.74 -1.24
C SER B 217 20.08 -1.47 -2.57
N GLY B 218 19.93 -2.79 -2.54
CA GLY B 218 19.70 -3.55 -3.77
C GLY B 218 18.35 -3.22 -4.37
N THR B 219 18.09 -3.69 -5.59
CA THR B 219 16.79 -3.48 -6.22
C THR B 219 15.95 -4.75 -6.08
N PRO B 220 14.81 -4.66 -5.37
CA PRO B 220 13.95 -5.82 -5.17
C PRO B 220 13.28 -6.28 -6.45
N ILE B 221 12.88 -7.54 -6.47
CA ILE B 221 12.34 -8.18 -7.66
C ILE B 221 10.87 -8.48 -7.39
N PRO B 222 9.98 -8.07 -8.30
CA PRO B 222 8.57 -8.33 -8.03
C PRO B 222 8.19 -9.80 -8.19
N VAL B 223 7.24 -10.26 -7.38
CA VAL B 223 6.63 -11.55 -7.59
C VAL B 223 5.42 -11.33 -8.51
N LEU B 224 5.32 -12.16 -9.55
CA LEU B 224 4.31 -11.98 -10.61
C LEU B 224 3.33 -13.16 -10.62
N PRO B 225 2.02 -12.89 -10.37
CA PRO B 225 1.39 -11.63 -10.04
C PRO B 225 1.43 -11.36 -8.53
N ALA B 226 1.22 -10.10 -8.15
CA ALA B 226 1.34 -9.70 -6.75
C ALA B 226 0.09 -10.18 -6.01
N VAL B 227 -1.02 -10.02 -6.68
CA VAL B 227 -2.31 -10.46 -6.18
C VAL B 227 -2.84 -11.37 -7.28
N ASP B 228 -3.20 -12.59 -6.94
CA ASP B 228 -3.74 -13.49 -7.95
C ASP B 228 -5.22 -13.16 -8.23
N VAL B 229 -5.85 -13.95 -9.10
CA VAL B 229 -7.24 -13.70 -9.51
C VAL B 229 -8.25 -13.82 -8.34
N SER B 230 -7.84 -14.57 -7.30
CA SER B 230 -8.56 -14.75 -6.02
C SER B 230 -8.35 -13.62 -4.99
N GLY B 231 -7.77 -12.49 -5.40
CA GLY B 231 -7.52 -11.36 -4.51
C GLY B 231 -6.57 -11.62 -3.35
N GLU B 232 -5.64 -12.56 -3.53
CA GLU B 232 -4.73 -13.00 -2.47
C GLU B 232 -3.28 -12.63 -2.77
N PRO B 233 -2.61 -11.97 -1.81
CA PRO B 233 -1.16 -11.77 -1.97
C PRO B 233 -0.42 -13.06 -1.62
N LEU B 234 0.87 -13.13 -1.95
CA LEU B 234 1.68 -14.31 -1.65
C LEU B 234 2.34 -14.20 -0.26
N ASP B 235 1.99 -15.13 0.62
CA ASP B 235 2.52 -15.12 1.98
C ASP B 235 3.95 -15.66 1.97
N LEU B 236 4.90 -14.76 2.17
CA LEU B 236 6.32 -15.10 2.16
C LEU B 236 6.88 -15.29 3.56
N SER B 237 6.01 -15.50 4.55
CA SER B 237 6.46 -15.75 5.94
C SER B 237 7.65 -16.69 6.07
N TYR B 238 7.65 -17.78 5.32
CA TYR B 238 8.71 -18.79 5.45
C TYR B 238 9.73 -18.75 4.32
N ALA B 239 9.62 -17.76 3.44
CA ALA B 239 10.53 -17.64 2.32
C ALA B 239 11.75 -16.88 2.79
N HIS B 240 12.93 -17.44 2.54
CA HIS B 240 14.13 -16.75 2.96
C HIS B 240 14.48 -15.59 2.03
N LEU B 241 13.99 -15.62 0.79
CA LEU B 241 14.17 -14.47 -0.13
C LEU B 241 13.20 -13.30 0.10
N ARG B 242 12.25 -13.44 1.02
CA ARG B 242 11.30 -12.36 1.32
C ARG B 242 11.98 -10.98 1.44
N ASN B 243 11.45 -9.97 0.75
CA ASN B 243 12.02 -8.62 0.86
C ASN B 243 11.57 -7.98 2.17
N PHE B 244 12.47 -7.20 2.75
CA PHE B 244 12.27 -6.63 4.08
C PHE B 244 11.60 -5.27 3.94
N SER B 245 10.96 -4.82 5.02
CA SER B 245 10.36 -3.50 5.11
C SER B 245 11.28 -2.38 4.67
N PRO B 246 10.75 -1.43 3.91
CA PRO B 246 11.53 -0.24 3.61
C PRO B 246 11.84 0.65 4.84
N ILE B 247 11.07 0.50 5.92
CA ILE B 247 11.32 1.24 7.15
C ILE B 247 12.61 0.74 7.75
N HIS B 248 12.70 -0.58 7.88
CA HIS B 248 13.90 -1.18 8.41
C HIS B 248 15.12 -0.96 7.51
N CYS B 249 14.93 -1.10 6.21
CA CYS B 249 16.04 -0.96 5.28
C CYS B 249 16.58 0.49 5.30
N GLU B 250 15.69 1.47 5.46
CA GLU B 250 16.12 2.87 5.68
C GLU B 250 16.88 3.03 7.00
N TYR B 251 16.39 2.38 8.05
CA TYR B 251 17.10 2.38 9.34
C TYR B 251 18.54 1.87 9.19
N LEU B 252 18.72 0.81 8.40
CA LEU B 252 20.04 0.22 8.23
C LEU B 252 20.94 1.13 7.42
N ARG B 253 20.40 1.76 6.38
CA ARG B 253 21.17 2.68 5.56
C ARG B 253 21.64 3.89 6.37
N ASN B 254 20.80 4.39 7.27
CA ASN B 254 21.18 5.46 8.19
C ASN B 254 22.39 5.06 9.09
N MET B 255 22.48 3.78 9.43
CA MET B 255 23.59 3.30 10.28
C MET B 255 24.83 3.00 9.45
N GLY B 256 24.75 3.11 8.12
CA GLY B 256 25.84 2.65 7.24
C GLY B 256 25.91 1.13 7.11
N VAL B 257 24.80 0.46 7.37
CA VAL B 257 24.72 -0.99 7.24
C VAL B 257 24.06 -1.38 5.91
N ALA B 258 24.74 -2.24 5.16
CA ALA B 258 24.27 -2.71 3.87
C ALA B 258 23.71 -4.13 3.92
N ALA B 259 24.09 -4.93 4.91
CA ALA B 259 23.58 -6.28 5.00
C ALA B 259 23.43 -6.68 6.45
N SER B 260 22.46 -7.55 6.72
CA SER B 260 22.31 -8.07 8.05
C SER B 260 21.91 -9.52 7.99
N MET B 261 22.17 -10.21 9.09
CA MET B 261 21.64 -11.55 9.30
CA MET B 261 21.67 -11.57 9.30
C MET B 261 21.28 -11.69 10.76
N SER B 262 20.11 -12.22 11.05
CA SER B 262 19.72 -12.36 12.44
C SER B 262 19.25 -13.77 12.74
N ILE B 263 19.55 -14.23 13.96
CA ILE B 263 19.19 -15.56 14.41
C ILE B 263 18.31 -15.41 15.63
N SER B 264 17.13 -16.04 15.61
CA SER B 264 16.20 -15.95 16.73
C SER B 264 16.75 -16.76 17.89
N VAL B 265 16.73 -16.19 19.09
CA VAL B 265 17.07 -16.93 20.28
C VAL B 265 15.79 -17.35 20.98
N ILE B 266 15.52 -18.65 21.00
CA ILE B 266 14.25 -19.18 21.50
C ILE B 266 14.51 -19.86 22.84
N VAL B 267 13.90 -19.35 23.90
CA VAL B 267 14.09 -19.87 25.24
C VAL B 267 12.74 -20.11 25.86
N ASP B 268 12.52 -21.32 26.37
CA ASP B 268 11.22 -21.70 26.95
C ASP B 268 10.07 -21.32 26.00
N ASP B 269 10.22 -21.70 24.73
CA ASP B 269 9.26 -21.46 23.65
C ASP B 269 8.89 -19.99 23.36
N ALA B 270 9.70 -19.03 23.83
CA ALA B 270 9.45 -17.59 23.63
C ALA B 270 10.70 -16.94 23.05
N LEU B 271 10.50 -15.77 22.46
CA LEU B 271 11.56 -15.03 21.81
C LEU B 271 12.33 -14.28 22.87
N TRP B 272 13.49 -14.78 23.21
CA TRP B 272 14.29 -14.16 24.26
C TRP B 272 15.02 -12.95 23.70
N GLY B 273 15.35 -13.00 22.42
CA GLY B 273 16.31 -12.06 21.83
C GLY B 273 16.75 -12.52 20.46
N LEU B 274 17.75 -11.84 19.94
CA LEU B 274 18.30 -12.09 18.61
C LEU B 274 19.82 -12.00 18.64
N ILE B 275 20.47 -12.79 17.81
CA ILE B 275 21.87 -12.57 17.45
C ILE B 275 21.84 -11.80 16.13
N VAL B 276 22.36 -10.58 16.11
CA VAL B 276 22.25 -9.72 14.94
C VAL B 276 23.62 -9.41 14.34
N CYS B 277 23.79 -9.79 13.08
CA CYS B 277 25.02 -9.55 12.37
C CYS B 277 24.83 -8.41 11.35
N HIS B 278 25.67 -7.38 11.44
CA HIS B 278 25.68 -6.26 10.50
C HIS B 278 26.94 -6.27 9.66
N HIS B 279 26.78 -6.04 8.37
CA HIS B 279 27.89 -5.81 7.45
C HIS B 279 27.76 -4.45 6.75
N CYS B 280 28.88 -3.72 6.61
CA CYS B 280 28.87 -2.39 6.01
C CYS B 280 28.87 -2.39 4.48
N SER B 281 28.90 -3.58 3.88
CA SER B 281 28.79 -3.75 2.44
C SER B 281 27.96 -5.00 2.18
N PRO B 282 27.44 -5.17 0.94
CA PRO B 282 26.55 -6.30 0.68
C PRO B 282 27.21 -7.64 1.06
N ARG B 283 26.44 -8.54 1.61
CA ARG B 283 26.95 -9.84 2.00
C ARG B 283 25.83 -10.89 1.93
N VAL B 284 26.06 -11.95 1.17
CA VAL B 284 25.16 -13.10 1.14
C VAL B 284 25.85 -14.35 1.67
N LEU B 285 25.23 -15.02 2.64
CA LEU B 285 25.70 -16.32 3.08
C LEU B 285 25.08 -17.43 2.25
N SER B 286 25.93 -18.31 1.74
CA SER B 286 25.50 -19.47 0.98
C SER B 286 24.67 -20.40 1.87
N MET B 287 23.84 -21.22 1.24
CA MET B 287 22.97 -22.14 1.98
C MET B 287 23.68 -23.00 3.02
N PRO B 288 24.79 -23.66 2.66
CA PRO B 288 25.49 -24.50 3.67
C PRO B 288 25.96 -23.74 4.90
N VAL B 289 26.40 -22.50 4.72
CA VAL B 289 26.78 -21.65 5.86
C VAL B 289 25.54 -21.28 6.68
N ARG B 290 24.41 -21.03 6.01
CA ARG B 290 23.15 -20.70 6.71
C ARG B 290 22.68 -21.89 7.55
N ILE B 291 22.85 -23.09 7.03
CA ILE B 291 22.43 -24.30 7.73
C ILE B 291 23.30 -24.48 8.96
N ALA B 292 24.59 -24.23 8.81
CA ALA B 292 25.50 -24.34 9.96
C ALA B 292 25.15 -23.28 11.01
N ALA B 293 24.88 -22.05 10.57
CA ALA B 293 24.55 -20.97 11.52
C ALA B 293 23.24 -21.19 12.25
N ALA B 294 22.22 -21.68 11.55
CA ALA B 294 20.95 -21.99 12.20
C ALA B 294 21.13 -23.11 13.23
N MET B 295 21.92 -24.11 12.91
CA MET B 295 22.14 -25.22 13.84
CA MET B 295 22.13 -25.21 13.84
C MET B 295 22.87 -24.69 15.09
N PHE B 296 23.89 -23.86 14.88
CA PHE B 296 24.55 -23.20 16.00
C PHE B 296 23.54 -22.43 16.84
N GLY B 297 22.64 -21.72 16.17
CA GLY B 297 21.61 -20.94 16.85
C GLY B 297 20.73 -21.76 17.77
N GLU B 298 20.31 -22.94 17.31
CA GLU B 298 19.52 -23.85 18.14
C GLU B 298 20.25 -24.32 19.41
N PHE B 299 21.52 -24.67 19.30
CA PHE B 299 22.28 -25.09 20.49
C PHE B 299 22.56 -23.90 21.42
N PHE B 300 22.85 -22.75 20.85
CA PHE B 300 23.06 -21.54 21.65
C PHE B 300 21.82 -21.29 22.50
N SER B 301 20.64 -21.37 21.86
CA SER B 301 19.35 -21.19 22.54
C SER B 301 19.10 -22.21 23.64
N MET B 302 19.39 -23.47 23.35
CA MET B 302 19.25 -24.54 24.34
C MET B 302 20.15 -24.32 25.53
N PHE B 303 21.42 -24.01 25.27
CA PHE B 303 22.40 -23.81 26.38
C PHE B 303 22.06 -22.62 27.23
N LEU B 304 21.60 -21.55 26.60
CA LEU B 304 21.19 -20.36 27.32
C LEU B 304 20.02 -20.69 28.24
N GLN B 305 19.04 -21.42 27.72
CA GLN B 305 17.89 -21.84 28.50
C GLN B 305 18.33 -22.58 29.77
N VAL B 306 19.20 -23.57 29.61
CA VAL B 306 19.70 -24.31 30.76
C VAL B 306 20.52 -23.41 31.69
N LEU B 307 21.34 -22.50 31.15
CA LEU B 307 22.15 -21.67 32.03
C LEU B 307 21.27 -20.69 32.79
N LYS B 308 20.23 -20.20 32.13
CA LYS B 308 19.31 -19.29 32.75
C LYS B 308 18.58 -19.99 33.91
N GLN B 309 18.18 -21.23 33.67
CA GLN B 309 17.55 -22.05 34.68
C GLN B 309 18.47 -22.32 35.88
N LYS B 310 19.73 -22.66 35.62
CA LYS B 310 20.68 -22.89 36.71
C LYS B 310 20.90 -21.64 37.57
N ARG B 311 20.94 -20.48 36.93
CA ARG B 311 21.16 -19.22 37.66
C ARG B 311 19.96 -18.90 38.55
N ARG B 312 18.75 -19.08 38.04
CA ARG B 312 17.54 -18.89 38.87
C ARG B 312 17.57 -19.86 40.07
N LEU B 313 17.94 -21.09 39.79
CA LEU B 313 18.10 -22.10 40.84
C LEU B 313 19.09 -21.63 41.92
N ASP B 314 20.29 -21.23 41.48
CA ASP B 314 21.34 -20.72 42.40
C ASP B 314 20.85 -19.53 43.22
N THR B 315 20.10 -18.64 42.59
CA THR B 315 19.56 -17.46 43.24
C THR B 315 18.55 -17.82 44.33
N ILE B 316 17.65 -18.74 44.02
CA ILE B 316 16.71 -19.22 45.04
C ILE B 316 17.39 -20.02 46.16
N ASN B 317 18.34 -20.90 45.84
CA ASN B 317 19.10 -21.63 46.88
C ASN B 317 19.80 -20.64 47.83
N HIS B 318 20.42 -19.61 47.25
CA HIS B 318 21.11 -18.55 48.03
CA HIS B 318 21.10 -18.58 48.06
C HIS B 318 20.11 -17.84 48.95
N ALA B 319 18.96 -17.50 48.43
CA ALA B 319 18.00 -16.78 49.25
C ALA B 319 17.51 -17.63 50.40
N HIS B 320 17.25 -18.90 50.13
CA HIS B 320 16.81 -19.79 51.20
C HIS B 320 17.86 -19.91 52.29
N ALA B 321 19.12 -20.03 51.92
CA ALA B 321 20.19 -20.16 52.94
C ALA B 321 20.33 -18.84 53.74
N ALA B 322 20.12 -17.70 53.09
CA ALA B 322 20.19 -16.40 53.78
C ALA B 322 19.05 -16.21 54.77
N LEU B 323 17.84 -16.62 54.40
CA LEU B 323 16.71 -16.63 55.34
C LEU B 323 16.98 -17.53 56.55
N ASP B 324 17.53 -18.71 56.29
CA ASP B 324 17.89 -19.62 57.37
C ASP B 324 18.88 -19.01 58.35
N ARG B 325 19.90 -18.31 57.84
CA ARG B 325 20.90 -17.68 58.70
C ARG B 325 20.20 -16.66 59.58
N PHE B 326 19.30 -15.87 59.00
CA PHE B 326 18.54 -14.93 59.81
C PHE B 326 17.70 -15.61 60.90
N LEU B 327 16.92 -16.63 60.51
CA LEU B 327 16.06 -17.31 61.46
C LEU B 327 16.87 -17.96 62.60
N ARG B 328 18.07 -18.45 62.27
CA ARG B 328 18.94 -19.02 63.30
C ARG B 328 19.32 -17.97 64.36
N LEU B 329 19.56 -16.74 63.95
CA LEU B 329 19.83 -15.65 64.91
C LEU B 329 18.57 -15.37 65.74
N ALA B 330 17.42 -15.33 65.10
CA ALA B 330 16.15 -15.06 65.81
C ALA B 330 15.87 -16.04 66.94
N ALA B 331 16.26 -17.30 66.75
CA ALA B 331 16.04 -18.32 67.79
C ALA B 331 16.88 -18.10 69.06
N HIS B 332 17.92 -17.27 68.98
CA HIS B 332 18.76 -16.97 70.14
C HIS B 332 18.54 -15.55 70.70
N ARG B 333 17.46 -14.88 70.29
CA ARG B 333 17.24 -13.49 70.70
C ARG B 333 15.88 -13.30 71.33
N ALA B 334 15.85 -12.49 72.38
CA ALA B 334 14.63 -12.29 73.16
C ALA B 334 13.79 -11.16 72.57
N ASN B 335 14.40 -10.35 71.72
CA ASN B 335 13.74 -9.17 71.17
C ASN B 335 13.92 -9.16 69.67
N LEU B 336 12.95 -9.76 68.98
CA LEU B 336 12.95 -9.85 67.53
C LEU B 336 12.97 -8.48 66.87
N GLU B 337 12.20 -7.55 67.38
CA GLU B 337 12.12 -6.21 66.78
C GLU B 337 13.51 -5.55 66.76
N GLU B 338 14.19 -5.57 67.90
CA GLU B 338 15.56 -5.09 68.00
C GLU B 338 16.50 -5.82 67.03
N LEU B 339 16.35 -7.15 66.90
CA LEU B 339 17.12 -7.91 65.91
C LEU B 339 16.89 -7.40 64.49
N LEU B 340 15.63 -7.13 64.16
CA LEU B 340 15.29 -6.63 62.82
C LEU B 340 15.92 -5.26 62.53
N VAL B 341 15.90 -4.37 63.52
CA VAL B 341 16.50 -3.02 63.40
C VAL B 341 18.01 -3.09 63.13
N ASP B 342 18.67 -4.06 63.76
CA ASP B 342 20.11 -4.21 63.62
C ASP B 342 20.49 -4.96 62.35
N SER B 343 19.54 -5.74 61.80
CA SER B 343 19.83 -6.72 60.74
C SER B 343 19.23 -6.45 59.37
N PHE B 344 18.25 -5.57 59.30
CA PHE B 344 17.42 -5.46 58.09
C PHE B 344 18.19 -5.21 56.79
N GLN B 345 19.31 -4.47 56.88
CA GLN B 345 20.15 -4.23 55.70
C GLN B 345 20.63 -5.52 55.03
N ASP B 346 20.74 -6.59 55.80
CA ASP B 346 21.19 -7.85 55.24
C ASP B 346 20.15 -8.43 54.29
N PHE B 347 18.88 -8.03 54.44
CA PHE B 347 17.85 -8.53 53.53
C PHE B 347 18.01 -8.04 52.10
N ALA B 348 18.85 -7.02 51.91
CA ALA B 348 19.17 -6.54 50.56
C ALA B 348 19.87 -7.60 49.72
N ARG B 349 20.47 -8.60 50.38
CA ARG B 349 21.10 -9.72 49.69
C ARG B 349 20.08 -10.69 49.05
N LEU B 350 18.82 -10.67 49.48
CA LEU B 350 17.80 -11.60 48.99
C LEU B 350 17.37 -11.25 47.57
N ILE B 351 17.20 -9.95 47.34
CA ILE B 351 16.63 -9.40 46.11
C ILE B 351 17.48 -8.22 45.64
N PRO B 352 17.84 -8.17 44.34
CA PRO B 352 18.61 -7.01 43.87
C PRO B 352 17.83 -5.73 44.11
N CYS B 353 18.46 -4.80 44.81
CA CYS B 353 17.85 -3.52 45.07
C CYS B 353 18.94 -2.49 45.31
N ASP B 354 18.57 -1.21 45.24
CA ASP B 354 19.49 -0.10 45.52
C ASP B 354 19.30 0.39 46.95
N GLY B 355 18.21 -0.04 47.59
CA GLY B 355 17.97 0.32 48.97
C GLY B 355 16.91 -0.54 49.61
N VAL B 356 16.86 -0.47 50.93
CA VAL B 356 15.95 -1.31 51.67
C VAL B 356 15.68 -0.65 53.01
N GLY B 357 14.49 -0.87 53.54
CA GLY B 357 14.17 -0.36 54.86
C GLY B 357 13.11 -1.14 55.62
N LEU B 358 12.95 -0.74 56.88
CA LEU B 358 12.12 -1.44 57.84
C LEU B 358 11.13 -0.46 58.43
N TRP B 359 9.84 -0.75 58.28
CA TRP B 359 8.78 0.01 58.90
C TRP B 359 8.15 -0.90 59.95
N VAL B 360 8.46 -0.64 61.22
CA VAL B 360 7.96 -1.44 62.33
CA VAL B 360 7.96 -1.44 62.33
C VAL B 360 7.53 -0.53 63.48
N GLY B 361 6.33 -0.79 64.00
CA GLY B 361 5.75 0.03 65.06
C GLY B 361 5.77 1.52 64.74
N ASN B 362 5.38 1.86 63.50
CA ASN B 362 5.35 3.24 63.00
C ASN B 362 6.67 4.03 63.01
N ASN B 363 7.81 3.32 63.02
CA ASN B 363 9.11 3.94 62.86
C ASN B 363 9.83 3.40 61.62
N TRP B 364 10.56 4.27 60.94
CA TRP B 364 11.31 3.91 59.75
C TRP B 364 12.79 3.76 60.04
N HIS B 365 13.42 2.76 59.44
CA HIS B 365 14.88 2.63 59.39
C HIS B 365 15.24 2.28 57.97
N GLY B 366 16.17 3.04 57.39
CA GLY B 366 16.53 2.88 56.00
C GLY B 366 17.99 2.61 55.78
N HIS B 367 18.29 1.99 54.64
CA HIS B 367 19.64 1.73 54.24
C HIS B 367 19.71 1.83 52.71
N GLY B 368 20.78 2.47 52.22
CA GLY B 368 20.99 2.71 50.80
C GLY B 368 20.06 3.76 50.25
N ALA B 369 19.70 3.64 48.97
CA ALA B 369 18.83 4.60 48.29
C ALA B 369 17.35 4.33 48.57
N THR B 370 16.76 5.24 49.37
CA THR B 370 15.37 5.14 49.75
C THR B 370 14.72 6.52 49.64
N PRO B 371 13.38 6.55 49.68
CA PRO B 371 12.72 7.83 49.77
C PRO B 371 13.21 8.61 51.00
N PRO B 372 13.05 9.94 51.00
CA PRO B 372 13.44 10.67 52.21
C PRO B 372 12.65 10.23 53.45
N HIS B 373 13.28 10.38 54.61
CA HIS B 373 12.66 10.00 55.88
C HIS B 373 11.18 10.42 56.01
N ASP B 374 10.90 11.71 55.73
CA ASP B 374 9.56 12.28 55.93
C ASP B 374 8.50 11.81 54.93
N ALA B 375 8.94 11.27 53.78
CA ALA B 375 8.02 10.73 52.78
C ALA B 375 7.50 9.32 53.12
N ILE B 376 8.09 8.66 54.12
CA ILE B 376 7.80 7.24 54.37
C ILE B 376 6.39 6.99 54.97
N PRO B 377 5.95 7.79 55.95
CA PRO B 377 4.63 7.57 56.52
C PRO B 377 3.50 7.47 55.49
N ARG B 378 3.50 8.39 54.53
CA ARG B 378 2.54 8.35 53.43
C ARG B 378 2.69 7.08 52.63
N LEU B 379 3.93 6.72 52.32
CA LEU B 379 4.21 5.56 51.51
C LEU B 379 3.73 4.29 52.24
N ALA B 380 3.95 4.24 53.56
CA ALA B 380 3.49 3.13 54.40
C ALA B 380 1.95 3.03 54.47
N ARG B 381 1.27 4.18 54.62
CA ARG B 381 -0.20 4.21 54.57
C ARG B 381 -0.70 3.66 53.27
N PHE B 382 -0.06 4.06 52.17
CA PHE B 382 -0.42 3.50 50.89
C PHE B 382 -0.25 1.99 50.85
N VAL B 383 0.90 1.51 51.30
CA VAL B 383 1.16 0.08 51.27
C VAL B 383 0.06 -0.65 52.04
N ALA B 384 -0.25 -0.20 53.25
CA ALA B 384 -1.31 -0.78 54.09
C ALA B 384 -2.68 -0.87 53.42
N SER B 385 -3.01 0.10 52.57
CA SER B 385 -4.31 0.15 51.91
C SER B 385 -4.43 -0.77 50.69
N VAL B 386 -3.29 -1.17 50.12
CA VAL B 386 -3.32 -2.05 48.93
C VAL B 386 -2.65 -3.41 49.12
N SER B 387 -1.85 -3.57 50.17
CA SER B 387 -1.15 -4.83 50.45
C SER B 387 -2.10 -6.05 50.51
N GLU B 388 -3.13 -5.95 51.35
CA GLU B 388 -4.05 -7.04 51.65
C GLU B 388 -3.30 -8.26 52.24
N GLY B 389 -2.29 -7.97 53.06
CA GLY B 389 -1.46 -9.01 53.66
C GLY B 389 -0.58 -9.81 52.72
N ARG B 390 -0.39 -9.32 51.48
CA ARG B 390 0.49 -10.01 50.55
CA ARG B 390 0.45 -9.99 50.49
C ARG B 390 1.61 -9.08 50.08
N VAL B 391 2.58 -9.67 49.39
CA VAL B 391 3.63 -8.92 48.74
C VAL B 391 2.99 -7.97 47.70
N TRP B 392 3.45 -6.72 47.70
CA TRP B 392 2.97 -5.72 46.73
C TRP B 392 4.18 -5.02 46.13
N ALA B 393 4.18 -4.87 44.81
CA ALA B 393 5.33 -4.33 44.12
C ALA B 393 4.96 -3.47 42.90
N THR B 394 5.79 -2.46 42.63
CA THR B 394 5.67 -1.68 41.42
C THR B 394 7.03 -1.13 41.01
N HIS B 395 7.22 -0.98 39.70
CA HIS B 395 8.42 -0.35 39.14
C HIS B 395 8.12 1.07 38.63
N ALA B 396 6.95 1.60 38.99
CA ALA B 396 6.57 2.97 38.61
C ALA B 396 5.85 3.62 39.79
N LEU B 397 6.60 3.95 40.83
CA LEU B 397 6.00 4.39 42.07
C LEU B 397 5.08 5.62 41.93
N SER B 398 5.46 6.58 41.08
CA SER B 398 4.69 7.83 40.98
C SER B 398 3.31 7.64 40.36
N GLN B 399 3.10 6.54 39.64
CA GLN B 399 1.78 6.21 39.10
C GLN B 399 0.81 5.83 40.22
N ALA B 400 1.32 5.28 41.31
CA ALA B 400 0.47 4.94 42.45
C ALA B 400 0.48 6.02 43.55
N ILE B 401 1.56 6.79 43.64
CA ILE B 401 1.65 7.93 44.56
C ILE B 401 2.28 9.13 43.84
N PRO B 402 1.44 10.07 43.37
CA PRO B 402 1.96 11.21 42.60
C PRO B 402 3.14 11.91 43.25
N GLU B 403 3.09 12.08 44.58
CA GLU B 403 4.10 12.79 45.35
C GLU B 403 5.49 12.13 45.29
N ALA B 404 5.53 10.87 44.87
CA ALA B 404 6.76 10.09 44.81
C ALA B 404 7.64 10.46 43.62
N GLU B 405 7.08 11.22 42.70
CA GLU B 405 7.83 11.68 41.53
C GLU B 405 9.06 12.47 41.93
N ILE B 406 8.94 13.26 42.99
CA ILE B 406 10.01 14.14 43.44
C ILE B 406 11.24 13.36 43.90
N TYR B 407 11.06 12.12 44.39
CA TYR B 407 12.20 11.29 44.80
C TYR B 407 12.45 10.10 43.86
N ALA B 408 11.97 10.21 42.62
CA ALA B 408 12.16 9.18 41.63
C ALA B 408 13.61 8.84 41.37
N ASP B 409 14.47 9.86 41.39
CA ASP B 409 15.89 9.63 41.16
C ASP B 409 16.51 8.67 42.19
N THR B 410 16.05 8.74 43.44
CA THR B 410 16.53 7.88 44.52
CA THR B 410 16.55 7.86 44.49
C THR B 410 15.75 6.55 44.61
N ALA B 411 14.46 6.60 44.30
CA ALA B 411 13.59 5.42 44.46
C ALA B 411 12.33 5.51 43.61
N ALA B 412 12.35 4.84 42.47
CA ALA B 412 11.23 4.84 41.51
C ALA B 412 10.42 3.56 41.57
N GLY B 413 10.98 2.51 42.17
CA GLY B 413 10.29 1.23 42.30
C GLY B 413 10.30 0.75 43.73
N MET B 414 9.30 -0.05 44.09
CA MET B 414 9.19 -0.52 45.44
C MET B 414 8.52 -1.89 45.50
N LEU B 415 9.07 -2.74 46.37
CA LEU B 415 8.47 -4.03 46.70
C LEU B 415 8.33 -4.07 48.21
N ALA B 416 7.12 -4.36 48.67
CA ALA B 416 6.76 -4.32 50.07
C ALA B 416 6.45 -5.74 50.56
N ILE B 417 7.11 -6.16 51.65
CA ILE B 417 6.86 -7.49 52.23
C ILE B 417 6.22 -7.34 53.60
N PRO B 418 4.99 -7.85 53.77
CA PRO B 418 4.42 -7.88 55.11
C PRO B 418 5.30 -8.73 56.02
N ILE B 419 5.54 -8.28 57.25
CA ILE B 419 6.33 -9.07 58.18
C ILE B 419 5.59 -9.37 59.48
N SER B 420 4.28 -9.16 59.49
CA SER B 420 3.45 -9.47 60.64
C SER B 420 2.07 -9.87 60.17
N GLN B 421 1.56 -10.98 60.70
CA GLN B 421 0.21 -11.45 60.38
C GLN B 421 -0.83 -10.48 60.93
N VAL B 422 -0.46 -9.72 61.97
CA VAL B 422 -1.41 -8.93 62.75
C VAL B 422 -1.22 -7.41 62.60
N LYS B 423 0.02 -6.95 62.58
CA LYS B 423 0.30 -5.51 62.53
C LYS B 423 0.73 -5.05 61.13
N SER B 424 0.63 -3.75 60.91
CA SER B 424 0.95 -3.14 59.64
C SER B 424 2.46 -2.83 59.49
N ASP B 425 3.30 -3.84 59.70
CA ASP B 425 4.75 -3.73 59.62
C ASP B 425 5.26 -4.27 58.29
N TYR B 426 6.30 -3.64 57.74
CA TYR B 426 6.79 -3.98 56.39
C TYR B 426 8.30 -3.92 56.28
N LEU B 427 8.83 -4.79 55.43
CA LEU B 427 10.14 -4.66 54.87
C LEU B 427 9.96 -4.14 53.45
N LEU B 428 10.59 -3.00 53.15
CA LEU B 428 10.42 -2.31 51.86
C LEU B 428 11.74 -2.25 51.07
N PHE B 429 11.71 -2.78 49.85
CA PHE B 429 12.86 -2.77 48.96
C PHE B 429 12.66 -1.70 47.90
N PHE B 430 13.71 -0.99 47.53
CA PHE B 430 13.58 0.09 46.57
C PHE B 430 14.59 -0.02 45.44
N ARG B 431 14.22 0.54 44.30
CA ARG B 431 15.12 0.61 43.16
C ARG B 431 15.10 2.01 42.57
N LYS B 432 16.23 2.44 42.04
CA LYS B 432 16.36 3.78 41.50
C LYS B 432 15.75 3.80 40.11
N GLU B 433 15.39 5.01 39.68
CA GLU B 433 14.98 5.29 38.32
C GLU B 433 15.99 4.65 37.37
N ILE B 434 15.52 3.94 36.35
CA ILE B 434 16.41 3.12 35.53
C ILE B 434 17.49 3.92 34.80
N VAL B 435 17.23 5.20 34.57
CA VAL B 435 18.19 6.09 33.89
C VAL B 435 19.41 6.43 34.76
N GLN B 436 19.38 6.09 36.05
CA GLN B 436 20.50 6.36 36.97
C GLN B 436 21.60 5.30 36.88
N ASN B 437 21.30 4.15 36.27
CA ASN B 437 22.30 3.11 36.01
C ASN B 437 22.72 3.12 34.53
N LEU B 438 22.91 4.32 33.97
CA LEU B 438 23.38 4.49 32.59
C LEU B 438 24.48 5.54 32.56
N ASN B 443 24.22 7.88 24.80
CA ASN B 443 23.59 8.26 23.54
C ASN B 443 24.52 7.92 22.37
N PRO B 444 23.97 7.26 21.31
CA PRO B 444 24.77 7.09 20.09
C PRO B 444 25.07 8.42 19.42
N GLU B 445 25.95 8.40 18.42
CA GLU B 445 26.31 9.62 17.68
C GLU B 445 25.24 9.88 16.63
N LYS B 446 25.03 11.16 16.28
CA LYS B 446 24.10 11.52 15.22
C LYS B 446 24.53 10.84 13.91
N SER B 447 23.56 10.34 13.15
CA SER B 447 23.82 9.91 11.78
C SER B 447 23.65 11.14 10.88
N TYR B 448 24.77 11.81 10.58
CA TYR B 448 24.75 13.10 9.84
C TYR B 448 23.70 13.17 8.73
N GLU B 449 23.54 12.10 7.96
CA GLU B 449 22.56 12.05 6.88
C GLU B 449 21.46 10.99 7.13
N THR B 450 20.21 11.40 6.96
CA THR B 450 19.06 10.53 7.13
C THR B 450 18.26 10.47 5.84
N GLY B 451 17.38 9.49 5.75
CA GLY B 451 16.47 9.38 4.60
C GLY B 451 15.19 10.16 4.81
N PRO B 452 14.19 9.95 3.91
CA PRO B 452 12.94 10.74 3.88
C PRO B 452 12.13 10.74 5.19
N MET B 453 12.21 9.64 5.94
CA MET B 453 11.40 9.50 7.15
CA MET B 453 11.41 9.47 7.16
C MET B 453 12.00 10.26 8.33
N GLY B 454 13.19 10.81 8.14
CA GLY B 454 13.81 11.66 9.16
C GLY B 454 14.60 10.84 10.17
N ASP B 455 14.91 11.49 11.29
CA ASP B 455 15.89 11.00 12.23
C ASP B 455 15.29 9.99 13.24
N ARG B 456 13.97 9.81 13.18
CA ARG B 456 13.34 8.72 13.94
C ARG B 456 14.04 7.39 13.70
N LEU B 457 14.48 7.16 12.46
CA LEU B 457 15.10 5.89 12.07
C LEU B 457 16.63 5.87 12.30
N THR B 458 17.04 6.21 13.52
CA THR B 458 18.43 6.22 13.92
C THR B 458 18.51 5.70 15.36
N PRO B 459 19.58 4.94 15.70
CA PRO B 459 19.82 4.49 17.07
C PRO B 459 19.75 5.59 18.13
N ARG B 460 20.27 6.76 17.79
CA ARG B 460 20.24 7.90 18.70
C ARG B 460 18.82 8.30 19.12
N LYS B 461 17.94 8.44 18.14
CA LYS B 461 16.54 8.79 18.46
C LYS B 461 15.79 7.63 19.16
N SER B 462 16.05 6.39 18.78
CA SER B 462 15.42 5.24 19.43
C SER B 462 15.76 5.23 20.92
N PHE B 463 17.05 5.37 21.22
CA PHE B 463 17.50 5.41 22.62
C PHE B 463 16.80 6.54 23.35
N ALA B 464 16.74 7.72 22.74
CA ALA B 464 16.05 8.87 23.34
C ALA B 464 14.56 8.58 23.62
N ILE B 465 13.88 7.93 22.67
CA ILE B 465 12.49 7.55 22.87
C ILE B 465 12.37 6.50 23.99
N TRP B 466 13.28 5.52 24.02
CA TRP B 466 13.21 4.55 25.10
C TRP B 466 13.34 5.26 26.44
N LYS B 467 14.31 6.16 26.54
CA LYS B 467 14.56 6.85 27.81
C LYS B 467 13.35 7.59 28.31
N GLU B 468 12.66 8.26 27.41
CA GLU B 468 11.44 8.94 27.72
C GLU B 468 10.36 7.98 28.21
N SER B 469 10.25 6.82 27.58
CA SER B 469 9.25 5.84 27.97
C SER B 469 9.49 5.28 29.38
N VAL B 470 10.73 5.31 29.88
CA VAL B 470 10.99 4.73 31.21
C VAL B 470 11.26 5.79 32.27
N ARG B 471 10.96 7.05 31.94
CA ARG B 471 11.10 8.14 32.89
C ARG B 471 10.28 7.83 34.16
N LEU B 472 10.86 8.08 35.32
CA LEU B 472 10.21 7.79 36.61
C LEU B 472 9.96 6.30 36.91
N GLN B 473 10.54 5.41 36.11
CA GLN B 473 10.40 3.96 36.30
C GLN B 473 11.72 3.30 36.69
N ALA B 474 11.63 2.17 37.39
CA ALA B 474 12.81 1.38 37.80
C ALA B 474 12.86 0.08 37.02
N GLN B 475 13.92 -0.70 37.19
CA GLN B 475 13.97 -2.06 36.60
C GLN B 475 12.81 -2.89 37.22
N PRO B 476 12.01 -3.58 36.39
CA PRO B 476 10.94 -4.38 36.96
C PRO B 476 11.40 -5.52 37.88
N TRP B 477 10.61 -5.72 38.93
CA TRP B 477 10.79 -6.83 39.83
C TRP B 477 10.45 -8.09 39.05
N SER B 478 11.41 -9.00 38.98
CA SER B 478 11.27 -10.22 38.17
C SER B 478 10.38 -11.25 38.89
N GLU B 479 10.01 -12.31 38.20
CA GLU B 479 9.25 -13.39 38.86
C GLU B 479 10.04 -14.02 40.02
N ALA B 480 11.35 -14.15 39.85
CA ALA B 480 12.23 -14.69 40.90
C ALA B 480 12.28 -13.78 42.11
N ASP B 481 12.43 -12.47 41.88
CA ASP B 481 12.37 -11.48 42.96
C ASP B 481 11.07 -11.73 43.76
N ARG B 482 9.96 -11.88 43.06
CA ARG B 482 8.65 -12.04 43.70
CA ARG B 482 8.65 -12.03 43.70
C ARG B 482 8.49 -13.39 44.40
N GLU B 483 9.05 -14.45 43.83
CA GLU B 483 9.06 -15.78 44.50
C GLU B 483 9.84 -15.71 45.83
N ILE B 484 10.99 -15.05 45.81
CA ILE B 484 11.83 -14.91 47.00
C ILE B 484 11.11 -14.08 48.07
N ALA B 485 10.49 -12.99 47.64
CA ALA B 485 9.74 -12.12 48.54
C ALA B 485 8.64 -12.87 49.29
N GLU B 486 7.96 -13.75 48.57
CA GLU B 486 6.87 -14.52 49.17
C GLU B 486 7.43 -15.59 50.13
N THR B 487 8.58 -16.17 49.79
CA THR B 487 9.25 -17.09 50.73
C THR B 487 9.67 -16.32 51.99
N ALA B 488 10.20 -15.12 51.82
CA ALA B 488 10.59 -14.27 52.93
C ALA B 488 9.42 -13.80 53.78
N ARG B 489 8.32 -13.42 53.14
CA ARG B 489 7.09 -13.07 53.88
C ARG B 489 6.72 -14.18 54.85
N ILE B 490 6.65 -15.41 54.35
CA ILE B 490 6.27 -16.53 55.20
C ILE B 490 7.25 -16.77 56.34
N ALA B 491 8.54 -16.69 56.06
CA ALA B 491 9.56 -16.82 57.10
C ALA B 491 9.38 -15.75 58.18
N LEU B 492 9.18 -14.51 57.75
CA LEU B 492 9.16 -13.39 58.70
C LEU B 492 7.84 -13.30 59.45
N VAL B 493 6.75 -13.53 58.75
CA VAL B 493 5.45 -13.60 59.42
C VAL B 493 5.44 -14.74 60.42
N GLY B 494 6.03 -15.86 60.03
CA GLY B 494 6.13 -17.03 60.90
C GLY B 494 6.92 -16.74 62.17
N VAL B 495 8.14 -16.26 62.02
CA VAL B 495 8.97 -16.04 63.20
C VAL B 495 8.34 -14.97 64.10
N ALA B 496 7.68 -13.97 63.51
CA ALA B 496 7.01 -12.93 64.29
C ALA B 496 5.92 -13.51 65.19
N PHE B 497 5.10 -14.36 64.64
CA PHE B 497 4.04 -15.01 65.42
C PHE B 497 4.65 -15.87 66.53
N HIS B 498 5.75 -16.54 66.20
CA HIS B 498 6.47 -17.36 67.19
C HIS B 498 7.01 -16.49 68.35
N HIS B 499 7.41 -15.27 68.05
CA HIS B 499 7.85 -14.34 69.10
C HIS B 499 6.77 -13.43 69.66
N SER B 500 5.52 -13.57 69.22
CA SER B 500 4.49 -12.56 69.51
C SER B 500 4.29 -12.35 71.03
N GLU B 501 4.38 -13.43 71.78
CA GLU B 501 4.24 -13.38 73.24
C GLU B 501 5.45 -12.71 73.94
N LEU B 502 6.66 -12.96 73.45
CA LEU B 502 7.84 -12.25 73.96
C LEU B 502 7.77 -10.76 73.68
N MET B 503 7.28 -10.40 72.50
CA MET B 503 7.16 -9.00 72.10
C MET B 503 6.02 -8.29 72.85
N ALA B 504 4.95 -9.00 73.17
CA ALA B 504 3.87 -8.46 74.01
C ALA B 504 4.33 -8.14 75.44
N GLY B 505 5.25 -8.94 75.98
CA GLY B 505 5.81 -8.71 77.31
C GLY B 505 6.71 -7.48 77.44
N LEU B 506 7.22 -6.98 76.31
CA LEU B 506 8.05 -5.78 76.28
C LEU B 506 7.22 -4.51 76.08
N GLU B 507 6.07 -4.65 75.41
CA GLU B 507 5.16 -3.52 75.15
C GLU B 507 4.23 -3.24 76.34
#